data_6Z8A
#
_entry.id   6Z8A
#
_cell.length_a   95.222
_cell.length_b   95.222
_cell.length_c   178.651
_cell.angle_alpha   90.000
_cell.angle_beta   90.000
_cell.angle_gamma   120.000
#
_symmetry.space_group_name_H-M   'P 32 2 1'
#
loop_
_entity.id
_entity.type
_entity.pdbx_description
1 polymer 'Ferrioxamine receptor FoxA'
2 non-polymer 'SULFATE ION'
3 non-polymer 'DIMETHYL SULFOXIDE'
4 non-polymer (8E)-6,17,28-trihydroxy-1,6,12,17,23,28-hexaazacyclotritriacont-8-ene-2,5,13,16,24,27-hexone
5 non-polymer 'FE (III) ION'
6 water water
#
_entity_poly.entity_id   1
_entity_poly.type   'polypeptide(L)'
_entity_poly.pdbx_seq_one_letter_code
;ASAAEAAAEQARPYAIPAGQLGDVLNRFAREAGITLSATPAQTGGYSSQGLRGSFTVQQGLARLLADTPLEAEDQGDGSF
VLREAPAKDGDVLNMQAVEVFALGNNLGSTDGYLATHSQIATKTSKPLLETSQTVSVITREQIDDTASKTVQQAMRYTPG
IFTGQVGASNRYDYVVMRGFADNSVDNIYLDGLKAMGDSGTFSSMQVDPYFLERIDVLKGPSSVLYGRSLPGGLVALTSK
KPLYEDYRQITGSIGNMGQKEMGFDFSGPLDEEKRIAYRLIGLGKGSDTQFDHVKEERYAIAPTLAIDFSDDTTLTLQGY
LQHDPNGGYHGGVPADGTLSHHNGRHISREFFDGEPSKDDFDRTQRMFGYQLEHRIDDVWSARQNFRYLDSDVDLSQVYA
YGWSASEPNKLNRYFSGAREHLQAYIVDNMLQAEFATGAARHTLLTGLDYQRRRTVVDWRSGSASALDAFNPVYGDDAIS
YFPDDNHTRRLEQTGVYLQDLIDIDQWRFSLGLRQDWVSVTDKNRSTGSKADDDWEKFTGRIGALYLFDNGLAPYVSYSE
SFNPNAYSDASGTPLAPTEGKQWELGLKFQAPGSNSFYTASLFHITQENVASKEPQDNFYTSVGEVRSQGLELEAHTQLS
DNLKLLGSYTYTDITYTKSLDGNQGHTPNQAPKHMASLWADYAFDAGPLSGLSIGGGARYVGETWADKENTLRVPDYTLV
DARIGYDLGKLGLKGLDVSLNANNLLDKDYVASCYSLDFCYFGEKRNVTATVNYQF
;
_entity_poly.pdbx_strand_id   A
#
loop_
_chem_comp.id
_chem_comp.type
_chem_comp.name
_chem_comp.formula
6L0 non-polymer (8E)-6,17,28-trihydroxy-1,6,12,17,23,28-hexaazacyclotritriacont-8-ene-2,5,13,16,24,27-hexone 'C27 H46 N6 O9'
DMS non-polymer 'DIMETHYL SULFOXIDE' 'C2 H6 O S'
FE non-polymer 'FE (III) ION' 'Fe 3'
SO4 non-polymer 'SULFATE ION' 'O4 S -2'
#
# COMPACT_ATOMS: atom_id res chain seq x y z
N VAL A 100 24.91 0.31 -13.89
CA VAL A 100 25.15 -1.14 -14.15
C VAL A 100 23.87 -1.92 -13.86
N PHE A 101 23.49 -2.79 -14.80
CA PHE A 101 22.28 -3.65 -14.80
C PHE A 101 21.03 -2.86 -15.19
N ALA A 102 20.33 -2.28 -14.22
CA ALA A 102 19.14 -1.42 -14.45
C ALA A 102 17.92 -2.11 -15.04
N LEU A 103 17.86 -3.44 -14.99
CA LEU A 103 16.64 -4.16 -15.43
C LEU A 103 16.05 -4.68 -14.14
N GLY A 104 14.93 -4.12 -13.71
CA GLY A 104 14.34 -4.52 -12.43
C GLY A 104 15.00 -3.80 -11.29
N ASN A 105 15.69 -2.70 -11.59
CA ASN A 105 16.40 -1.91 -10.55
C ASN A 105 16.06 -0.44 -10.76
N ASN A 106 15.96 0.31 -9.67
CA ASN A 106 15.62 1.76 -9.63
C ASN A 106 16.88 2.56 -9.96
N LEU A 107 17.97 2.28 -9.26
CA LEU A 107 19.30 2.87 -9.52
C LEU A 107 19.26 4.39 -9.62
N GLY A 108 18.54 5.08 -8.76
CA GLY A 108 18.61 6.54 -8.88
C GLY A 108 19.60 7.10 -7.88
N SER A 109 19.24 8.23 -7.30
CA SER A 109 20.02 8.86 -6.21
C SER A 109 18.97 9.40 -5.26
N THR A 110 18.98 8.99 -4.01
CA THR A 110 18.00 9.66 -3.12
C THR A 110 18.73 10.83 -2.44
N ASP A 111 18.17 12.04 -2.38
CA ASP A 111 18.75 13.07 -1.47
C ASP A 111 17.73 13.50 -0.43
N GLY A 112 17.72 12.81 0.72
CA GLY A 112 16.69 13.02 1.75
C GLY A 112 15.37 12.53 1.20
N TYR A 113 14.39 13.41 0.97
CA TYR A 113 12.98 13.00 0.69
C TYR A 113 12.71 12.85 -0.83
N LEU A 114 13.74 12.93 -1.68
CA LEU A 114 13.56 12.97 -3.16
C LEU A 114 14.48 11.97 -3.83
N ALA A 115 13.95 11.19 -4.76
CA ALA A 115 14.73 10.23 -5.57
C ALA A 115 14.75 10.74 -7.00
N THR A 116 15.60 10.19 -7.83
CA THR A 116 15.84 10.64 -9.23
C THR A 116 15.28 9.62 -10.20
N HIS A 117 15.40 8.33 -9.88
CA HIS A 117 14.98 7.28 -10.82
C HIS A 117 13.97 6.37 -10.13
N SER A 118 13.34 5.56 -10.96
CA SER A 118 12.35 4.55 -10.58
C SER A 118 12.07 3.76 -11.85
N GLN A 119 11.77 2.48 -11.64
CA GLN A 119 11.48 1.51 -12.72
C GLN A 119 10.07 0.95 -12.55
N ILE A 120 9.39 1.32 -11.47
CA ILE A 120 8.05 0.77 -11.14
C ILE A 120 7.15 0.97 -12.34
N ALA A 121 7.38 2.03 -13.10
CA ALA A 121 6.49 2.35 -14.24
C ALA A 121 7.13 1.75 -15.49
N THR A 122 8.25 1.01 -15.35
CA THR A 122 9.19 0.69 -16.46
C THR A 122 9.73 -0.75 -16.48
N LYS A 123 9.88 -1.38 -15.30
CA LYS A 123 10.71 -2.61 -15.03
C LYS A 123 12.16 -2.45 -15.53
N THR A 124 12.63 -1.23 -15.76
CA THR A 124 14.07 -0.89 -15.83
C THR A 124 14.25 0.53 -15.26
N SER A 125 15.44 0.83 -14.75
CA SER A 125 15.79 2.20 -14.28
C SER A 125 15.53 3.18 -15.41
N LYS A 126 14.57 4.05 -15.25
CA LYS A 126 14.43 5.23 -16.13
C LYS A 126 14.28 6.39 -15.16
N PRO A 127 14.91 7.59 -15.35
CA PRO A 127 14.83 8.70 -14.39
C PRO A 127 13.38 9.17 -14.35
N LEU A 128 12.94 9.66 -13.18
CA LEU A 128 11.56 10.14 -12.96
C LEU A 128 11.27 11.20 -14.01
N LEU A 129 12.21 12.03 -14.41
CA LEU A 129 11.85 13.18 -15.26
C LEU A 129 11.59 12.72 -16.69
N GLU A 130 12.02 11.53 -17.08
CA GLU A 130 11.81 11.10 -18.48
C GLU A 130 10.66 10.12 -18.58
N THR A 131 10.08 9.68 -17.47
CA THR A 131 9.06 8.60 -17.47
C THR A 131 7.67 9.25 -17.61
N SER A 132 6.81 8.70 -18.46
CA SER A 132 5.50 9.32 -18.83
C SER A 132 4.35 8.89 -17.91
N GLN A 133 4.60 8.76 -16.63
CA GLN A 133 3.59 8.31 -15.65
C GLN A 133 3.75 9.14 -14.39
N THR A 134 2.83 8.98 -13.48
CA THR A 134 2.87 9.78 -12.25
C THR A 134 3.59 8.95 -11.21
N VAL A 135 4.83 9.23 -10.89
CA VAL A 135 5.48 8.37 -9.90
C VAL A 135 5.81 9.21 -8.67
N SER A 136 5.71 8.63 -7.48
CA SER A 136 6.14 9.21 -6.21
C SER A 136 7.08 8.21 -5.55
N VAL A 137 8.22 8.67 -5.04
CA VAL A 137 9.13 7.86 -4.18
C VAL A 137 9.09 8.39 -2.75
N ILE A 138 8.92 7.44 -1.84
CA ILE A 138 8.96 7.68 -0.38
C ILE A 138 10.22 7.02 0.13
N THR A 139 11.14 7.86 0.58
CA THR A 139 12.49 7.44 0.96
C THR A 139 12.44 6.78 2.33
N ARG A 140 13.51 6.12 2.70
CA ARG A 140 13.71 5.61 4.07
C ARG A 140 13.66 6.81 5.01
N GLU A 141 14.23 7.93 4.59
CA GLU A 141 14.40 9.08 5.50
C GLU A 141 13.00 9.65 5.74
N GLN A 142 12.22 9.70 4.66
CA GLN A 142 10.84 10.23 4.71
C GLN A 142 10.10 9.39 5.74
N ILE A 143 10.19 8.08 5.61
CA ILE A 143 9.49 7.14 6.53
C ILE A 143 10.01 7.39 7.94
N ASP A 144 11.32 7.41 8.10
CA ASP A 144 11.94 7.53 9.45
C ASP A 144 11.55 8.85 10.11
N ASP A 145 11.85 9.98 9.45
CA ASP A 145 11.66 11.36 9.99
C ASP A 145 10.17 11.55 10.28
N THR A 146 9.33 11.04 9.41
CA THR A 146 7.88 11.30 9.46
C THR A 146 7.19 10.31 10.41
N ALA A 147 7.90 9.31 10.94
CA ALA A 147 7.39 8.40 12.00
C ALA A 147 6.08 7.79 11.53
N SER A 148 6.22 7.02 10.47
CA SER A 148 5.23 6.07 9.92
C SER A 148 5.56 4.70 10.48
N LYS A 149 4.55 3.91 10.78
CA LYS A 149 4.73 2.55 11.35
C LYS A 149 4.26 1.53 10.33
N THR A 150 3.82 1.95 9.15
CA THR A 150 3.01 1.13 8.21
C THR A 150 3.20 1.60 6.77
N VAL A 151 3.19 0.71 5.80
CA VAL A 151 3.29 1.16 4.38
C VAL A 151 2.18 2.18 4.15
N GLN A 152 1.00 1.83 4.63
CA GLN A 152 -0.23 2.64 4.56
C GLN A 152 -0.02 3.99 5.24
N GLN A 153 0.66 3.99 6.38
CA GLN A 153 1.04 5.26 7.07
C GLN A 153 2.08 6.02 6.22
N ALA A 154 3.05 5.34 5.60
CA ALA A 154 4.13 6.08 4.92
C ALA A 154 3.52 7.14 4.00
N MET A 155 2.43 6.80 3.31
CA MET A 155 1.96 7.60 2.16
C MET A 155 0.96 8.65 2.62
N ARG A 156 0.91 8.95 3.91
CA ARG A 156 0.10 10.07 4.42
C ARG A 156 0.46 11.35 3.66
N TYR A 157 1.72 11.56 3.29
CA TYR A 157 2.15 12.84 2.69
C TYR A 157 2.21 12.77 1.18
N THR A 158 1.41 11.94 0.52
CA THR A 158 1.58 11.69 -0.94
C THR A 158 0.28 12.11 -1.62
N PRO A 159 0.32 12.82 -2.77
CA PRO A 159 -0.92 13.25 -3.42
C PRO A 159 -1.53 12.11 -4.25
N GLY A 160 -2.87 12.00 -4.23
CA GLY A 160 -3.64 10.98 -4.96
C GLY A 160 -3.93 9.78 -4.09
N ILE A 161 -3.56 9.84 -2.81
CA ILE A 161 -3.66 8.69 -1.85
C ILE A 161 -4.53 9.06 -0.64
N PHE A 162 -5.54 8.24 -0.34
CA PHE A 162 -6.38 8.41 0.88
C PHE A 162 -5.90 7.37 1.89
N THR A 163 -5.46 7.81 3.07
CA THR A 163 -4.80 6.94 4.09
C THR A 163 -5.83 6.30 5.04
N GLY A 164 -7.08 6.79 5.14
CA GLY A 164 -7.98 6.61 6.32
C GLY A 164 -9.13 5.63 6.11
N GLN A 165 -9.06 4.72 5.13
CA GLN A 165 -10.20 3.83 4.71
C GLN A 165 -10.79 3.07 5.91
N VAL A 166 -9.95 2.64 6.84
CA VAL A 166 -10.43 1.84 8.00
C VAL A 166 -9.98 2.55 9.29
N GLY A 167 -9.63 3.83 9.16
CA GLY A 167 -9.08 4.68 10.23
C GLY A 167 -7.86 4.06 10.85
N ALA A 168 -7.68 4.19 12.16
CA ALA A 168 -6.43 3.96 12.90
C ALA A 168 -6.18 2.48 13.21
N SER A 169 -6.28 1.61 12.22
CA SER A 169 -6.14 0.18 12.48
C SER A 169 -4.97 -0.28 11.61
N ASN A 170 -3.93 -0.88 12.21
CA ASN A 170 -2.69 -1.24 11.46
C ASN A 170 -2.71 -2.73 11.06
N ARG A 171 -3.89 -3.36 10.91
CA ARG A 171 -4.00 -4.80 10.52
C ARG A 171 -3.64 -4.98 9.05
N TYR A 172 -4.20 -4.16 8.18
CA TYR A 172 -4.06 -4.29 6.72
C TYR A 172 -3.50 -2.97 6.19
N ASP A 173 -3.11 -2.96 4.93
CA ASP A 173 -2.64 -1.72 4.28
C ASP A 173 -3.70 -1.30 3.28
N TYR A 174 -4.53 -0.38 3.70
CA TYR A 174 -5.56 0.19 2.80
C TYR A 174 -5.02 1.47 2.15
N VAL A 175 -4.53 1.35 0.92
CA VAL A 175 -4.08 2.52 0.14
C VAL A 175 -5.08 2.78 -0.96
N VAL A 176 -5.75 3.92 -0.90
CA VAL A 176 -6.81 4.29 -1.87
C VAL A 176 -6.16 5.25 -2.86
N MET A 177 -6.00 4.78 -4.08
CA MET A 177 -5.31 5.55 -5.13
C MET A 177 -6.41 6.14 -6.01
N ARG A 178 -6.54 7.47 -5.99
CA ARG A 178 -7.43 8.28 -6.85
C ARG A 178 -8.89 7.89 -6.60
N GLY A 179 -9.18 7.56 -5.33
CA GLY A 179 -10.55 7.42 -4.80
C GLY A 179 -11.20 6.07 -5.11
N PHE A 180 -10.48 5.10 -5.70
CA PHE A 180 -10.90 3.67 -5.89
C PHE A 180 -10.48 2.85 -4.67
N ALA A 181 -11.47 2.61 -3.81
CA ALA A 181 -11.29 1.95 -2.50
C ALA A 181 -11.75 0.51 -2.63
N ASP A 182 -12.73 0.21 -3.46
CA ASP A 182 -13.11 -1.21 -3.57
C ASP A 182 -11.90 -1.97 -4.12
N ASN A 183 -11.39 -2.86 -3.28
CA ASN A 183 -10.21 -3.76 -3.48
C ASN A 183 -8.77 -3.45 -3.08
N SER A 184 -8.62 -2.36 -2.32
CA SER A 184 -7.44 -1.48 -2.10
C SER A 184 -6.38 -2.22 -1.30
N VAL A 185 -6.74 -3.35 -0.71
CA VAL A 185 -5.71 -4.15 0.00
C VAL A 185 -4.77 -4.78 -1.01
N ASP A 186 -5.29 -5.06 -2.20
CA ASP A 186 -4.62 -5.79 -3.31
C ASP A 186 -3.86 -4.78 -4.19
N ASN A 187 -2.84 -4.11 -3.67
CA ASN A 187 -2.24 -2.93 -4.34
C ASN A 187 -0.72 -2.92 -4.12
N ILE A 188 -0.25 -3.80 -3.24
CA ILE A 188 1.16 -3.84 -2.82
C ILE A 188 1.87 -4.85 -3.70
N TYR A 189 3.04 -4.43 -4.17
CA TYR A 189 4.04 -5.19 -4.94
C TYR A 189 5.30 -5.11 -4.12
N LEU A 190 5.91 -6.25 -3.86
CA LEU A 190 7.13 -6.39 -3.02
C LEU A 190 8.24 -6.81 -3.95
N ASP A 191 9.34 -6.05 -4.02
CA ASP A 191 10.55 -6.45 -4.80
C ASP A 191 10.13 -6.93 -6.19
N GLY A 192 9.16 -6.24 -6.79
CA GLY A 192 8.81 -6.43 -8.20
C GLY A 192 7.62 -7.35 -8.41
N LEU A 193 7.23 -8.12 -7.41
CA LEU A 193 6.22 -9.20 -7.61
C LEU A 193 5.03 -8.92 -6.71
N LYS A 194 3.83 -9.36 -7.10
CA LYS A 194 2.62 -9.08 -6.30
C LYS A 194 2.76 -9.63 -4.89
N ALA A 195 2.06 -9.02 -3.94
CA ALA A 195 2.13 -9.50 -2.53
C ALA A 195 1.63 -10.95 -2.44
N MET A 196 0.59 -11.27 -3.22
CA MET A 196 -0.08 -12.59 -3.43
C MET A 196 -1.04 -12.86 -2.28
N GLY A 197 -1.84 -11.86 -1.89
CA GLY A 197 -2.83 -12.07 -0.83
C GLY A 197 -4.16 -12.45 -1.43
N ASP A 198 -5.20 -12.60 -0.61
CA ASP A 198 -6.53 -12.90 -1.13
C ASP A 198 -7.44 -11.83 -0.59
N SER A 199 -7.73 -10.83 -1.40
CA SER A 199 -8.61 -9.72 -0.97
C SER A 199 -10.01 -10.26 -0.76
N GLY A 200 -10.21 -11.56 -1.01
CA GLY A 200 -11.50 -12.27 -0.88
C GLY A 200 -11.58 -13.15 0.35
N THR A 201 -10.54 -13.11 1.17
CA THR A 201 -10.44 -13.79 2.48
C THR A 201 -9.80 -12.82 3.46
N PHE A 202 -9.39 -13.32 4.62
CA PHE A 202 -8.67 -12.51 5.63
C PHE A 202 -7.14 -12.57 5.46
N SER A 203 -6.66 -13.27 4.42
CA SER A 203 -5.21 -13.53 4.22
C SER A 203 -4.60 -12.45 3.32
N SER A 204 -4.51 -11.23 3.83
CA SER A 204 -3.75 -10.16 3.16
C SER A 204 -2.49 -9.92 4.00
N MET A 205 -1.35 -9.58 3.39
CA MET A 205 -0.03 -9.53 4.09
C MET A 205 0.29 -8.09 4.54
N GLN A 206 1.24 -7.96 5.45
CA GLN A 206 1.81 -6.68 5.92
C GLN A 206 3.31 -6.82 5.76
N VAL A 207 3.95 -5.92 5.03
CA VAL A 207 5.42 -5.83 5.02
C VAL A 207 5.80 -4.72 6.03
N ASP A 208 6.60 -5.06 7.03
CA ASP A 208 6.95 -4.06 8.05
C ASP A 208 7.97 -3.10 7.45
N PRO A 209 7.67 -1.78 7.38
CA PRO A 209 8.57 -0.75 6.84
C PRO A 209 10.06 -0.87 7.19
N TYR A 210 10.38 -1.27 8.43
CA TYR A 210 11.76 -1.56 8.88
C TYR A 210 12.54 -2.37 7.82
N PHE A 211 11.90 -3.33 7.18
CA PHE A 211 12.57 -4.16 6.16
C PHE A 211 12.72 -3.39 4.86
N LEU A 212 11.95 -2.33 4.65
CA LEU A 212 12.01 -1.60 3.36
C LEU A 212 13.08 -0.53 3.44
N GLU A 213 13.43 -0.02 2.30
CA GLU A 213 14.28 1.19 2.28
C GLU A 213 13.70 2.23 1.32
N ARG A 214 12.63 1.90 0.61
CA ARG A 214 12.12 2.72 -0.51
C ARG A 214 10.69 2.33 -0.88
N ILE A 215 9.79 3.27 -1.07
CA ILE A 215 8.45 2.97 -1.63
C ILE A 215 8.24 3.80 -2.88
N ASP A 216 8.04 3.08 -3.97
CA ASP A 216 7.68 3.70 -5.27
C ASP A 216 6.16 3.58 -5.30
N VAL A 217 5.49 4.49 -5.97
CA VAL A 217 4.03 4.47 -6.15
C VAL A 217 3.72 4.87 -7.58
N LEU A 218 3.10 4.01 -8.35
CA LEU A 218 2.62 4.34 -9.70
C LEU A 218 1.11 4.61 -9.64
N LYS A 219 0.61 5.43 -10.55
CA LYS A 219 -0.82 5.81 -10.52
C LYS A 219 -1.54 5.33 -11.77
N GLY A 220 -2.82 5.03 -11.62
CA GLY A 220 -3.68 4.66 -12.75
C GLY A 220 -3.45 3.25 -13.23
N PRO A 221 -4.17 2.90 -14.31
CA PRO A 221 -4.02 1.62 -14.99
C PRO A 221 -2.58 1.23 -15.30
N SER A 222 -2.08 0.21 -14.61
CA SER A 222 -0.63 -0.10 -14.59
C SER A 222 -0.38 -1.57 -14.94
N SER A 223 -1.21 -2.13 -15.81
CA SER A 223 -1.37 -3.58 -15.95
C SER A 223 -0.43 -4.13 -17.01
N VAL A 224 -0.08 -3.34 -18.02
CA VAL A 224 0.72 -3.82 -19.18
C VAL A 224 2.00 -4.50 -18.69
N LEU A 225 2.59 -4.05 -17.57
CA LEU A 225 3.75 -4.74 -17.00
C LEU A 225 3.33 -5.66 -15.85
N TYR A 226 2.26 -5.37 -15.12
CA TYR A 226 2.04 -6.04 -13.82
C TYR A 226 0.97 -7.12 -13.96
N GLY A 227 -0.03 -6.89 -14.81
CA GLY A 227 -1.19 -7.76 -14.93
C GLY A 227 -2.27 -7.38 -13.95
N ARG A 228 -3.04 -8.36 -13.48
CA ARG A 228 -4.24 -8.16 -12.62
C ARG A 228 -3.85 -7.00 -11.72
N SER A 229 -4.58 -5.90 -11.81
CA SER A 229 -4.23 -4.69 -11.02
C SER A 229 -5.42 -3.72 -11.03
N LEU A 230 -5.35 -2.72 -10.18
CA LEU A 230 -6.44 -1.74 -10.06
C LEU A 230 -6.20 -0.54 -10.95
N PRO A 231 -7.29 0.15 -11.34
CA PRO A 231 -7.18 1.41 -12.07
C PRO A 231 -6.80 2.59 -11.16
N GLY A 232 -6.62 2.39 -9.84
CA GLY A 232 -6.02 3.40 -8.95
C GLY A 232 -4.54 3.61 -9.25
N GLY A 233 -3.83 2.51 -9.56
CA GLY A 233 -2.37 2.42 -9.61
C GLY A 233 -1.89 1.32 -8.68
N LEU A 234 -0.59 1.28 -8.40
CA LEU A 234 -0.07 0.24 -7.50
C LEU A 234 1.13 0.76 -6.75
N VAL A 235 1.59 0.03 -5.75
CA VAL A 235 2.65 0.49 -4.82
C VAL A 235 3.72 -0.58 -4.67
N ALA A 236 4.98 -0.24 -4.95
CA ALA A 236 6.11 -1.21 -4.95
C ALA A 236 7.07 -0.91 -3.82
N LEU A 237 7.32 -1.94 -3.02
CA LEU A 237 8.21 -1.86 -1.85
C LEU A 237 9.55 -2.48 -2.24
N THR A 238 10.55 -1.63 -2.31
CA THR A 238 11.91 -2.12 -2.60
C THR A 238 12.53 -2.31 -1.22
N SER A 239 12.68 -3.57 -0.81
CA SER A 239 13.20 -3.91 0.53
C SER A 239 14.69 -3.68 0.49
N LYS A 240 15.28 -3.58 1.66
CA LYS A 240 16.74 -3.55 1.88
C LYS A 240 17.42 -4.72 1.18
N LYS A 241 18.56 -4.47 0.53
CA LYS A 241 19.44 -5.47 -0.15
C LYS A 241 20.78 -5.54 0.58
N PRO A 242 21.59 -6.60 0.39
CA PRO A 242 22.91 -6.66 1.02
C PRO A 242 23.84 -5.50 0.66
N LEU A 243 24.53 -4.99 1.68
CA LEU A 243 25.50 -3.88 1.51
C LEU A 243 26.90 -4.48 1.43
N TYR A 244 27.76 -3.97 0.55
CA TYR A 244 29.11 -4.55 0.37
C TYR A 244 30.24 -3.98 1.24
N GLU A 245 29.87 -3.55 2.45
CA GLU A 245 30.79 -3.07 3.50
C GLU A 245 29.96 -2.96 4.78
N ASP A 246 30.54 -3.37 5.90
CA ASP A 246 29.85 -3.44 7.21
C ASP A 246 28.96 -2.25 7.52
N TYR A 247 27.72 -2.54 7.89
CA TYR A 247 26.68 -1.60 8.38
C TYR A 247 26.02 -2.37 9.51
N ARG A 248 26.17 -1.95 10.74
CA ARG A 248 25.51 -2.71 11.83
C ARG A 248 24.79 -1.70 12.73
N GLN A 249 23.46 -1.77 12.81
CA GLN A 249 22.65 -0.84 13.65
C GLN A 249 21.64 -1.57 14.55
N ILE A 250 21.40 -1.02 15.75
CA ILE A 250 20.29 -1.44 16.67
C ILE A 250 19.41 -0.22 16.98
N THR A 251 18.12 -0.47 17.16
CA THR A 251 17.10 0.55 17.52
C THR A 251 16.42 0.16 18.84
N GLY A 252 15.69 1.09 19.43
CA GLY A 252 14.58 0.78 20.34
C GLY A 252 13.74 2.01 20.47
N SER A 253 12.44 1.88 20.26
CA SER A 253 11.46 3.00 20.36
C SER A 253 10.50 2.68 21.49
N ILE A 254 10.25 3.66 22.34
CA ILE A 254 9.18 3.60 23.36
C ILE A 254 8.17 4.69 22.95
N GLY A 255 6.87 4.44 23.20
CA GLY A 255 5.80 5.39 22.82
C GLY A 255 4.60 5.28 23.73
N ASN A 256 3.79 6.33 23.81
CA ASN A 256 2.43 6.26 24.40
C ASN A 256 1.69 5.09 23.76
N MET A 257 0.67 4.56 24.44
CA MET A 257 -0.08 3.35 23.99
C MET A 257 0.81 2.10 24.18
N GLY A 258 1.75 2.15 25.13
CA GLY A 258 2.65 1.05 25.52
C GLY A 258 3.35 0.46 24.32
N GLN A 259 3.80 1.31 23.39
CA GLN A 259 4.44 0.87 22.12
C GLN A 259 5.87 0.43 22.42
N LYS A 260 6.18 -0.84 22.23
CA LYS A 260 7.56 -1.41 22.17
C LYS A 260 7.98 -1.59 20.69
N GLU A 261 9.14 -1.04 20.32
CA GLU A 261 9.86 -1.48 19.10
C GLU A 261 11.31 -1.74 19.49
N MET A 262 11.82 -2.87 19.03
CA MET A 262 13.28 -3.08 19.05
C MET A 262 13.67 -3.87 17.82
N GLY A 263 14.74 -3.46 17.15
CA GLY A 263 15.15 -4.07 15.87
C GLY A 263 16.63 -3.89 15.66
N PHE A 264 17.23 -4.75 14.86
CA PHE A 264 18.63 -4.56 14.40
C PHE A 264 18.63 -4.60 12.89
N ASP A 265 19.76 -4.25 12.33
CA ASP A 265 20.00 -4.37 10.88
C ASP A 265 21.51 -4.53 10.69
N PHE A 266 21.96 -5.76 10.46
CA PHE A 266 23.36 -6.12 10.22
C PHE A 266 23.53 -6.41 8.75
N SER A 267 24.66 -6.03 8.17
CA SER A 267 24.99 -6.28 6.74
C SER A 267 26.49 -6.08 6.53
N GLY A 268 27.01 -6.61 5.43
CA GLY A 268 28.45 -6.48 5.13
C GLY A 268 28.92 -7.59 4.22
N PRO A 269 30.19 -7.60 3.78
CA PRO A 269 30.71 -8.63 2.90
C PRO A 269 31.22 -9.81 3.74
N LEU A 270 31.04 -11.01 3.21
CA LEU A 270 31.41 -12.27 3.89
C LEU A 270 32.71 -12.67 3.22
N ASP A 271 32.91 -12.19 1.99
CA ASP A 271 34.00 -12.53 1.03
C ASP A 271 35.29 -11.74 1.24
N GLU A 272 36.39 -12.27 0.67
CA GLU A 272 37.74 -11.67 0.68
C GLU A 272 37.63 -10.68 -0.49
N GLU A 273 37.12 -11.18 -1.63
CA GLU A 273 37.03 -10.47 -2.94
C GLU A 273 35.77 -9.57 -2.85
N LYS A 274 34.95 -9.73 -1.81
CA LYS A 274 33.65 -8.99 -1.62
C LYS A 274 32.78 -9.17 -2.87
N ARG A 275 32.64 -10.42 -3.33
CA ARG A 275 31.68 -10.81 -4.40
C ARG A 275 30.41 -11.33 -3.70
N ILE A 276 30.52 -11.58 -2.39
CA ILE A 276 29.43 -12.23 -1.59
C ILE A 276 29.13 -11.32 -0.40
N ALA A 277 27.90 -10.85 -0.36
CA ALA A 277 27.39 -10.01 0.74
C ALA A 277 26.07 -10.56 1.26
N TYR A 278 25.77 -10.24 2.51
CA TYR A 278 24.58 -10.70 3.27
C TYR A 278 23.89 -9.47 3.85
N ARG A 279 22.74 -9.72 4.44
CA ARG A 279 22.00 -8.73 5.27
C ARG A 279 21.09 -9.49 6.22
N LEU A 280 21.03 -9.10 7.49
CA LEU A 280 20.08 -9.78 8.42
C LEU A 280 19.34 -8.72 9.24
N ILE A 281 18.14 -8.41 8.80
CA ILE A 281 17.22 -7.52 9.55
C ILE A 281 16.35 -8.36 10.48
N GLY A 282 15.95 -7.76 11.60
CA GLY A 282 15.04 -8.41 12.55
C GLY A 282 14.45 -7.39 13.47
N LEU A 283 13.21 -7.64 13.87
CA LEU A 283 12.52 -6.71 14.77
C LEU A 283 11.37 -7.40 15.51
N GLY A 284 11.47 -7.48 16.83
CA GLY A 284 10.29 -7.74 17.66
C GLY A 284 9.59 -6.41 17.88
N LYS A 285 8.28 -6.40 18.04
CA LYS A 285 7.53 -5.14 18.13
C LYS A 285 6.18 -5.41 18.80
N GLY A 286 6.00 -4.72 19.91
CA GLY A 286 4.76 -4.74 20.68
C GLY A 286 4.06 -3.43 20.49
N SER A 287 2.76 -3.41 20.69
CA SER A 287 2.03 -2.17 21.03
C SER A 287 0.67 -2.55 21.56
N ASP A 288 0.12 -1.66 22.37
CA ASP A 288 -1.34 -1.57 22.59
C ASP A 288 -1.90 -0.75 21.42
N THR A 289 -3.20 -0.49 21.39
CA THR A 289 -3.66 0.59 20.51
C THR A 289 -4.40 1.61 21.37
N GLN A 290 -5.00 2.61 20.73
CA GLN A 290 -5.83 3.53 21.53
C GLN A 290 -6.91 2.66 22.14
N PHE A 291 -7.43 1.71 21.35
CA PHE A 291 -8.56 0.83 21.74
C PHE A 291 -8.26 0.00 22.99
N ASP A 292 -9.33 -0.32 23.71
CA ASP A 292 -9.31 -1.10 24.97
C ASP A 292 -9.17 -2.59 24.65
N HIS A 293 -8.39 -3.29 25.46
CA HIS A 293 -8.20 -4.77 25.38
C HIS A 293 -7.80 -5.19 23.95
N VAL A 294 -6.92 -4.44 23.30
CA VAL A 294 -6.30 -4.87 21.99
C VAL A 294 -4.79 -4.73 22.18
N LYS A 295 -4.03 -5.72 21.73
CA LYS A 295 -2.54 -5.67 21.80
C LYS A 295 -2.03 -6.04 20.41
N GLU A 296 -1.05 -5.30 19.93
CA GLU A 296 -0.38 -5.54 18.62
C GLU A 296 0.93 -6.28 18.90
N GLU A 297 1.24 -7.31 18.13
CA GLU A 297 2.59 -7.93 18.17
C GLU A 297 3.07 -8.27 16.77
N ARG A 298 4.39 -8.31 16.64
CA ARG A 298 5.03 -8.72 15.39
C ARG A 298 6.44 -9.14 15.77
N TYR A 299 6.88 -10.23 15.19
CA TYR A 299 8.24 -10.78 15.34
C TYR A 299 8.67 -11.16 13.93
N ALA A 300 9.70 -10.50 13.43
CA ALA A 300 10.08 -10.64 12.02
C ALA A 300 11.60 -10.69 11.92
N ILE A 301 12.09 -11.54 11.05
CA ILE A 301 13.53 -11.73 10.71
C ILE A 301 13.59 -11.67 9.19
N ALA A 302 14.75 -11.41 8.59
CA ALA A 302 14.90 -11.43 7.12
C ALA A 302 16.36 -11.61 6.67
N PRO A 303 16.83 -12.86 6.44
CA PRO A 303 18.11 -13.11 5.81
C PRO A 303 18.07 -12.84 4.29
N THR A 304 19.18 -12.28 3.80
CA THR A 304 19.41 -11.99 2.37
C THR A 304 20.87 -12.26 2.00
N LEU A 305 21.11 -12.99 0.92
CA LEU A 305 22.48 -13.35 0.52
C LEU A 305 22.65 -13.01 -0.96
N ALA A 306 23.64 -12.18 -1.27
CA ALA A 306 23.88 -11.65 -2.63
C ALA A 306 25.22 -12.15 -3.12
N ILE A 307 25.22 -12.83 -4.26
CA ILE A 307 26.44 -13.46 -4.85
C ILE A 307 26.72 -12.91 -6.24
N ASP A 308 28.00 -12.67 -6.52
CA ASP A 308 28.49 -12.18 -7.84
C ASP A 308 29.33 -13.29 -8.49
N PHE A 309 28.72 -14.09 -9.38
CA PHE A 309 29.32 -15.30 -10.00
C PHE A 309 30.37 -14.90 -11.04
N SER A 310 29.89 -14.20 -12.06
CA SER A 310 30.69 -13.41 -13.03
C SER A 310 30.68 -11.92 -12.66
N ASP A 311 31.39 -11.13 -13.44
CA ASP A 311 31.30 -9.65 -13.52
C ASP A 311 29.89 -9.35 -14.01
N ASP A 312 29.35 -10.21 -14.86
CA ASP A 312 28.10 -9.97 -15.62
C ASP A 312 26.87 -10.70 -14.99
N THR A 313 27.02 -11.56 -13.96
CA THR A 313 25.87 -12.30 -13.35
C THR A 313 25.81 -12.23 -11.81
N THR A 314 24.64 -11.86 -11.24
CA THR A 314 24.44 -11.77 -9.77
C THR A 314 23.09 -12.38 -9.27
N LEU A 315 23.19 -13.33 -8.34
CA LEU A 315 22.04 -14.02 -7.71
C LEU A 315 21.86 -13.59 -6.26
N THR A 316 20.66 -13.13 -5.96
CA THR A 316 20.26 -12.59 -4.64
C THR A 316 19.18 -13.50 -4.09
N LEU A 317 19.34 -13.96 -2.85
CA LEU A 317 18.45 -14.94 -2.18
C LEU A 317 17.82 -14.26 -0.95
N GLN A 318 16.50 -14.35 -0.92
CA GLN A 318 15.53 -13.51 -0.18
C GLN A 318 14.77 -14.42 0.77
N GLY A 319 14.65 -14.03 2.04
CA GLY A 319 13.72 -14.71 2.97
C GLY A 319 13.08 -13.76 3.96
N TYR A 320 11.78 -13.96 4.22
CA TYR A 320 10.97 -13.14 5.15
C TYR A 320 10.04 -13.99 6.02
N LEU A 321 10.36 -14.11 7.30
CA LEU A 321 9.47 -14.75 8.29
C LEU A 321 8.87 -13.69 9.22
N GLN A 322 7.54 -13.63 9.31
CA GLN A 322 6.83 -12.65 10.16
C GLN A 322 5.60 -13.28 10.82
N HIS A 323 5.56 -13.09 12.15
CA HIS A 323 4.56 -13.61 13.10
C HIS A 323 3.88 -12.44 13.86
N ASP A 324 2.60 -12.30 13.56
CA ASP A 324 1.63 -11.36 14.19
C ASP A 324 0.74 -12.22 15.07
N PRO A 325 1.15 -12.54 16.32
CA PRO A 325 0.28 -13.32 17.22
C PRO A 325 -0.97 -12.54 17.67
N ASN A 326 -0.93 -11.19 17.68
CA ASN A 326 -2.14 -10.33 17.80
C ASN A 326 -2.19 -9.28 16.69
N GLY A 327 -3.41 -8.98 16.23
CA GLY A 327 -3.66 -8.12 15.07
C GLY A 327 -4.20 -6.76 15.44
N GLY A 328 -3.98 -6.29 16.68
CA GLY A 328 -4.50 -4.99 17.15
C GLY A 328 -6.00 -4.86 16.92
N TYR A 329 -6.47 -3.73 16.42
CA TYR A 329 -7.93 -3.49 16.23
C TYR A 329 -8.28 -3.52 14.76
N HIS A 330 -9.52 -3.88 14.42
CA HIS A 330 -10.06 -3.90 13.03
C HIS A 330 -11.58 -3.70 13.02
N GLY A 331 -12.21 -3.45 14.17
CA GLY A 331 -13.67 -3.19 14.23
C GLY A 331 -14.13 -1.89 13.55
N GLY A 332 -15.44 -1.66 13.56
CA GLY A 332 -16.09 -0.44 13.04
C GLY A 332 -17.40 -0.16 13.73
N VAL A 333 -17.55 1.04 14.27
CA VAL A 333 -18.75 1.40 15.09
C VAL A 333 -19.60 2.34 14.27
N PRO A 334 -21.11 2.45 14.34
CA PRO A 334 -22.09 3.26 13.59
C PRO A 334 -21.95 4.79 13.53
N ALA A 335 -22.52 5.39 12.47
CA ALA A 335 -22.50 6.83 12.15
C ALA A 335 -23.32 7.57 13.21
N ASP A 336 -24.50 7.02 13.52
CA ASP A 336 -25.52 7.54 14.47
C ASP A 336 -24.89 7.98 15.79
N GLY A 337 -23.97 7.21 16.36
CA GLY A 337 -23.36 7.68 17.61
C GLY A 337 -21.95 8.20 17.41
N THR A 338 -21.64 8.81 16.28
CA THR A 338 -20.24 9.27 16.07
C THR A 338 -20.28 10.64 15.38
N LEU A 339 -20.91 10.66 14.22
CA LEU A 339 -21.25 11.87 13.44
C LEU A 339 -22.37 12.63 14.17
N SER A 340 -23.44 11.96 14.58
CA SER A 340 -24.49 12.59 15.44
C SER A 340 -24.20 12.26 16.90
N HIS A 341 -24.94 12.87 17.81
CA HIS A 341 -25.08 12.40 19.21
C HIS A 341 -26.05 11.20 19.16
N HIS A 342 -25.80 10.12 19.89
CA HIS A 342 -26.82 9.04 19.99
C HIS A 342 -27.51 9.18 21.34
N ASN A 343 -28.69 9.79 21.31
CA ASN A 343 -29.46 10.07 22.54
C ASN A 343 -28.53 10.82 23.52
N GLY A 344 -27.70 11.76 23.04
CA GLY A 344 -27.05 12.75 23.90
C GLY A 344 -25.59 12.48 24.20
N ARG A 345 -25.17 11.22 24.16
CA ARG A 345 -23.72 10.88 24.27
C ARG A 345 -23.27 10.28 22.92
N HIS A 346 -21.96 10.16 22.64
CA HIS A 346 -21.54 9.59 21.32
C HIS A 346 -20.16 8.91 21.22
N ILE A 347 -19.97 7.73 21.87
CA ILE A 347 -18.89 6.68 21.81
C ILE A 347 -17.43 7.08 22.15
N SER A 348 -16.63 6.15 22.72
CA SER A 348 -15.18 6.40 23.00
C SER A 348 -14.20 6.47 21.84
N ARG A 349 -13.01 7.04 22.06
CA ARG A 349 -11.96 7.07 21.01
C ARG A 349 -11.19 5.69 21.19
N GLU A 350 -11.37 5.13 22.40
CA GLU A 350 -10.97 3.76 22.80
C GLU A 350 -11.95 2.46 22.90
N PHE A 351 -13.17 2.82 22.54
CA PHE A 351 -14.26 1.83 22.51
C PHE A 351 -13.94 0.50 21.83
N PHE A 352 -14.02 -0.62 22.55
CA PHE A 352 -13.76 -1.96 21.99
C PHE A 352 -15.08 -2.70 21.80
N ASP A 353 -15.57 -2.78 20.57
CA ASP A 353 -16.87 -3.41 20.22
C ASP A 353 -16.82 -4.94 20.31
N GLY A 354 -15.68 -5.51 20.66
CA GLY A 354 -15.53 -6.98 20.61
C GLY A 354 -15.65 -7.62 21.97
N GLU A 355 -14.95 -8.71 22.19
CA GLU A 355 -14.94 -9.42 23.48
C GLU A 355 -13.56 -9.94 23.86
N PRO A 356 -12.94 -9.49 24.96
CA PRO A 356 -11.56 -9.88 25.27
C PRO A 356 -11.43 -11.40 25.42
N SER A 357 -12.46 -12.05 25.99
CA SER A 357 -12.63 -13.52 26.07
C SER A 357 -12.33 -14.20 24.73
N LYS A 358 -12.79 -13.61 23.62
CA LYS A 358 -12.85 -14.24 22.28
C LYS A 358 -12.34 -13.20 21.27
N ASP A 359 -11.10 -12.79 21.45
CA ASP A 359 -10.42 -11.81 20.57
C ASP A 359 -9.08 -12.41 20.16
N ASP A 360 -8.95 -12.78 18.88
CA ASP A 360 -7.74 -13.40 18.33
C ASP A 360 -7.57 -12.96 16.87
N PHE A 361 -6.31 -12.72 16.53
CA PHE A 361 -5.81 -12.51 15.15
C PHE A 361 -4.41 -13.09 15.09
N ASP A 362 -4.17 -14.05 14.22
CA ASP A 362 -2.86 -14.72 14.21
C ASP A 362 -2.45 -14.89 12.77
N ARG A 363 -1.46 -14.10 12.34
CA ARG A 363 -1.01 -14.15 10.94
C ARG A 363 0.44 -14.58 10.89
N THR A 364 0.70 -15.76 10.35
CA THR A 364 2.12 -16.14 10.14
C THR A 364 2.55 -16.12 8.68
N GLN A 365 3.35 -15.13 8.32
CA GLN A 365 3.90 -14.90 6.95
C GLN A 365 5.29 -15.52 6.81
N ARG A 366 5.39 -16.52 5.93
CA ARG A 366 6.64 -17.25 5.63
C ARG A 366 6.92 -17.09 4.12
N MET A 367 7.69 -16.07 3.75
CA MET A 367 8.07 -15.92 2.32
C MET A 367 9.48 -16.45 2.10
N PHE A 368 9.79 -16.78 0.85
CA PHE A 368 11.10 -17.20 0.33
C PHE A 368 11.16 -16.86 -1.14
N GLY A 369 12.28 -16.36 -1.64
CA GLY A 369 12.44 -16.08 -3.08
C GLY A 369 13.89 -15.90 -3.52
N TYR A 370 14.05 -15.34 -4.72
CA TYR A 370 15.34 -14.84 -5.24
C TYR A 370 15.07 -13.94 -6.44
N GLN A 371 16.06 -13.08 -6.66
CA GLN A 371 16.15 -12.17 -7.82
C GLN A 371 17.40 -12.63 -8.56
N LEU A 372 17.30 -12.97 -9.83
CA LEU A 372 18.51 -13.40 -10.58
C LEU A 372 18.75 -12.44 -11.73
N GLU A 373 19.97 -11.92 -11.84
CA GLU A 373 20.33 -10.93 -12.87
C GLU A 373 21.54 -11.42 -13.66
N HIS A 374 21.42 -11.52 -14.99
CA HIS A 374 22.53 -11.98 -15.86
C HIS A 374 22.69 -11.05 -17.05
N ARG A 375 23.91 -10.52 -17.26
CA ARG A 375 24.18 -9.64 -18.41
C ARG A 375 24.84 -10.46 -19.53
N ILE A 376 24.20 -10.53 -20.69
CA ILE A 376 24.77 -11.29 -21.86
C ILE A 376 25.78 -10.38 -22.58
N ASP A 377 25.25 -9.33 -23.22
CA ASP A 377 25.94 -8.26 -23.95
C ASP A 377 25.72 -6.92 -23.23
N ASP A 378 26.31 -5.86 -23.78
CA ASP A 378 25.96 -4.46 -23.40
C ASP A 378 24.57 -4.19 -24.02
N VAL A 379 24.07 -5.06 -24.90
CA VAL A 379 22.65 -4.96 -25.37
C VAL A 379 21.72 -5.87 -24.52
N TRP A 380 22.04 -7.16 -24.41
CA TRP A 380 21.08 -8.15 -23.82
C TRP A 380 21.44 -8.33 -22.35
N SER A 381 20.42 -8.12 -21.52
CA SER A 381 20.40 -8.36 -20.06
C SER A 381 19.08 -9.08 -19.79
N ALA A 382 19.04 -10.04 -18.87
CA ALA A 382 17.79 -10.78 -18.60
C ALA A 382 17.67 -10.99 -17.10
N ARG A 383 16.49 -10.80 -16.52
CA ARG A 383 16.31 -10.94 -15.06
C ARG A 383 15.15 -11.90 -14.77
N GLN A 384 15.23 -12.60 -13.64
CA GLN A 384 14.14 -13.51 -13.19
C GLN A 384 13.89 -13.30 -11.71
N ASN A 385 12.68 -12.89 -11.37
CA ASN A 385 12.29 -12.68 -9.96
C ASN A 385 11.30 -13.77 -9.59
N PHE A 386 11.51 -14.42 -8.46
CA PHE A 386 10.59 -15.48 -7.98
C PHE A 386 10.37 -15.22 -6.51
N ARG A 387 9.20 -15.63 -6.03
CA ARG A 387 8.79 -15.62 -4.61
C ARG A 387 7.77 -16.73 -4.40
N TYR A 388 7.90 -17.42 -3.26
CA TYR A 388 6.90 -18.36 -2.72
C TYR A 388 6.48 -17.86 -1.33
N LEU A 389 5.16 -17.93 -1.06
CA LEU A 389 4.51 -17.47 0.19
C LEU A 389 3.69 -18.60 0.82
N ASP A 390 3.61 -18.61 2.15
CA ASP A 390 2.91 -19.61 2.97
C ASP A 390 2.41 -18.90 4.20
N SER A 391 1.10 -18.72 4.31
CA SER A 391 0.53 -17.93 5.43
C SER A 391 -0.69 -18.57 6.09
N ASP A 392 -0.57 -18.61 7.41
CA ASP A 392 -1.60 -19.05 8.37
C ASP A 392 -2.22 -17.80 8.98
N VAL A 393 -3.55 -17.70 8.86
CA VAL A 393 -4.38 -16.64 9.49
C VAL A 393 -5.44 -17.34 10.32
N ASP A 394 -5.47 -17.07 11.63
CA ASP A 394 -6.55 -17.51 12.54
C ASP A 394 -7.20 -16.28 13.15
N LEU A 395 -8.48 -16.12 12.92
CA LEU A 395 -9.26 -14.96 13.37
C LEU A 395 -10.29 -15.52 14.30
N SER A 396 -10.83 -14.69 15.17
CA SER A 396 -12.06 -14.93 15.97
C SER A 396 -12.52 -13.58 16.51
N GLN A 397 -13.40 -12.89 15.80
CA GLN A 397 -13.79 -11.51 16.21
C GLN A 397 -15.31 -11.46 16.37
N VAL A 398 -15.76 -10.75 17.38
CA VAL A 398 -17.18 -10.39 17.55
C VAL A 398 -17.29 -8.87 17.36
N TYR A 399 -18.23 -8.38 16.55
CA TYR A 399 -18.31 -6.95 16.14
C TYR A 399 -19.71 -6.36 16.10
N ALA A 400 -19.76 -5.08 16.42
CA ALA A 400 -20.97 -4.24 16.40
C ALA A 400 -21.44 -4.02 14.96
N TYR A 401 -22.63 -4.54 14.67
CA TYR A 401 -23.37 -4.28 13.40
C TYR A 401 -24.68 -3.54 13.68
N GLY A 402 -24.62 -2.20 13.78
CA GLY A 402 -25.83 -1.36 13.85
C GLY A 402 -26.59 -1.47 15.17
N TRP A 403 -27.47 -0.50 15.43
CA TRP A 403 -28.22 -0.40 16.71
C TRP A 403 -29.35 -1.42 16.81
N SER A 404 -29.57 -1.94 18.03
CA SER A 404 -30.69 -2.86 18.38
C SER A 404 -32.03 -2.10 18.48
N ALA A 405 -33.04 -2.60 17.75
CA ALA A 405 -34.43 -2.10 17.79
C ALA A 405 -34.93 -2.11 19.23
N SER A 406 -34.61 -3.19 19.94
CA SER A 406 -35.33 -3.64 21.15
C SER A 406 -34.57 -3.26 22.43
N GLU A 407 -33.33 -2.79 22.30
CA GLU A 407 -32.52 -2.30 23.45
C GLU A 407 -32.04 -0.89 23.11
N PRO A 408 -32.28 0.11 24.01
CA PRO A 408 -32.06 1.51 23.67
C PRO A 408 -30.64 1.93 23.22
N ASN A 409 -29.64 1.66 24.08
CA ASN A 409 -28.26 2.08 23.77
C ASN A 409 -27.31 0.88 23.72
N LYS A 410 -27.68 -0.15 22.95
CA LYS A 410 -26.80 -1.32 22.79
C LYS A 410 -26.77 -1.65 21.30
N LEU A 411 -25.62 -2.10 20.80
CA LEU A 411 -25.52 -2.50 19.39
C LEU A 411 -25.69 -4.00 19.18
N ASN A 412 -26.15 -4.43 18.01
CA ASN A 412 -26.09 -5.87 17.66
C ASN A 412 -24.62 -6.28 17.58
N ARG A 413 -24.29 -7.51 17.98
CA ARG A 413 -22.96 -8.10 17.74
C ARG A 413 -23.11 -9.47 17.07
N TYR A 414 -22.30 -9.63 16.02
CA TYR A 414 -22.20 -10.80 15.14
C TYR A 414 -20.77 -11.33 15.24
N PHE A 415 -20.60 -12.62 15.03
CA PHE A 415 -19.30 -13.30 15.12
C PHE A 415 -18.81 -13.60 13.71
N SER A 416 -17.51 -13.51 13.55
CA SER A 416 -16.80 -14.02 12.36
C SER A 416 -15.56 -14.76 12.82
N GLY A 417 -15.26 -15.89 12.21
CA GLY A 417 -14.08 -16.66 12.62
C GLY A 417 -13.49 -17.35 11.42
N ALA A 418 -12.18 -17.45 11.34
CA ALA A 418 -11.50 -18.03 10.16
C ALA A 418 -10.29 -18.84 10.59
N ARG A 419 -10.07 -19.98 9.91
CA ARG A 419 -8.74 -20.61 9.86
C ARG A 419 -8.36 -20.71 8.37
N GLU A 420 -7.41 -19.88 7.91
CA GLU A 420 -6.99 -19.89 6.49
C GLU A 420 -5.50 -20.21 6.33
N HIS A 421 -5.17 -21.20 5.49
CA HIS A 421 -3.80 -21.51 5.00
C HIS A 421 -3.69 -21.13 3.52
N LEU A 422 -2.85 -20.15 3.21
CA LEU A 422 -2.70 -19.74 1.80
C LEU A 422 -1.33 -20.13 1.26
N GLN A 423 -1.29 -20.58 0.03
CA GLN A 423 -0.04 -20.93 -0.68
C GLN A 423 -0.05 -20.17 -1.99
N ALA A 424 1.06 -19.53 -2.32
CA ALA A 424 1.13 -18.77 -3.57
C ALA A 424 2.58 -18.60 -3.97
N TYR A 425 2.83 -18.63 -5.26
CA TYR A 425 4.19 -18.40 -5.79
C TYR A 425 4.06 -17.56 -7.03
N ILE A 426 4.99 -16.65 -7.22
CA ILE A 426 4.93 -15.79 -8.42
C ILE A 426 6.32 -15.74 -9.03
N VAL A 427 6.39 -15.82 -10.35
CA VAL A 427 7.69 -15.66 -11.04
C VAL A 427 7.54 -14.62 -12.15
N ASP A 428 8.60 -13.87 -12.48
CA ASP A 428 8.60 -12.89 -13.59
C ASP A 428 9.90 -13.08 -14.36
N ASN A 429 9.82 -13.45 -15.64
CA ASN A 429 11.03 -13.62 -16.47
C ASN A 429 11.07 -12.51 -17.50
N MET A 430 12.10 -11.68 -17.49
CA MET A 430 12.19 -10.54 -18.44
C MET A 430 13.41 -10.67 -19.33
N LEU A 431 13.39 -10.01 -20.49
CA LEU A 431 14.49 -10.07 -21.48
C LEU A 431 14.64 -8.71 -22.13
N GLN A 432 15.68 -7.95 -21.77
CA GLN A 432 15.80 -6.53 -22.19
C GLN A 432 16.96 -6.35 -23.16
N ALA A 433 16.68 -5.73 -24.32
CA ALA A 433 17.66 -5.31 -25.36
C ALA A 433 17.79 -3.78 -25.33
N GLU A 434 18.93 -3.26 -24.84
CA GLU A 434 19.43 -1.86 -25.02
C GLU A 434 20.23 -1.76 -26.33
N PHE A 435 19.63 -1.22 -27.38
CA PHE A 435 20.23 -1.10 -28.73
C PHE A 435 19.77 0.21 -29.40
N ALA A 436 20.36 0.53 -30.54
CA ALA A 436 20.18 1.83 -31.21
C ALA A 436 20.09 1.63 -32.71
N THR A 437 19.34 2.49 -33.39
CA THR A 437 18.88 2.34 -34.80
C THR A 437 18.67 3.73 -35.37
N GLY A 438 19.59 4.20 -36.22
CA GLY A 438 19.70 5.64 -36.48
C GLY A 438 19.77 6.35 -35.15
N ALA A 439 19.03 7.42 -34.97
CA ALA A 439 19.16 8.26 -33.76
C ALA A 439 18.46 7.61 -32.56
N ALA A 440 17.55 6.65 -32.80
CA ALA A 440 16.69 6.05 -31.76
C ALA A 440 17.50 5.14 -30.84
N ARG A 441 17.48 5.44 -29.55
CA ARG A 441 17.85 4.46 -28.48
C ARG A 441 16.61 3.59 -28.16
N HIS A 442 16.53 2.37 -28.72
CA HIS A 442 15.51 1.34 -28.33
C HIS A 442 15.90 0.66 -27.00
N THR A 443 14.95 0.63 -26.07
CA THR A 443 15.06 -0.10 -24.79
C THR A 443 13.85 -1.03 -24.75
N LEU A 444 14.00 -2.23 -25.32
CA LEU A 444 12.89 -3.17 -25.63
C LEU A 444 12.89 -4.28 -24.58
N LEU A 445 11.76 -4.50 -23.91
CA LEU A 445 11.54 -5.55 -22.86
C LEU A 445 10.47 -6.53 -23.38
N THR A 446 10.69 -7.84 -23.25
CA THR A 446 9.64 -8.87 -23.34
C THR A 446 9.70 -9.70 -22.07
N GLY A 447 8.53 -10.16 -21.62
CA GLY A 447 8.35 -10.57 -20.22
C GLY A 447 7.30 -11.64 -20.10
N LEU A 448 7.56 -12.62 -19.24
CA LEU A 448 6.64 -13.74 -18.97
C LEU A 448 6.53 -13.93 -17.46
N ASP A 449 5.34 -13.66 -16.95
CA ASP A 449 5.09 -13.79 -15.49
C ASP A 449 3.96 -14.76 -15.22
N TYR A 450 4.11 -15.55 -14.17
CA TYR A 450 3.11 -16.57 -13.78
C TYR A 450 2.97 -16.58 -12.26
N GLN A 451 1.73 -16.55 -11.79
CA GLN A 451 1.48 -16.62 -10.34
C GLN A 451 0.34 -17.61 -10.12
N ARG A 452 0.48 -18.44 -9.10
CA ARG A 452 -0.53 -19.46 -8.80
C ARG A 452 -0.86 -19.32 -7.31
N ARG A 453 -2.12 -19.11 -6.99
CA ARG A 453 -2.50 -18.93 -5.57
C ARG A 453 -3.58 -19.95 -5.23
N ARG A 454 -3.59 -20.38 -3.98
CA ARG A 454 -4.56 -21.35 -3.42
C ARG A 454 -4.75 -21.06 -1.94
N THR A 455 -5.97 -20.74 -1.57
CA THR A 455 -6.41 -20.44 -0.19
C THR A 455 -7.27 -21.60 0.33
N VAL A 456 -7.04 -22.08 1.53
CA VAL A 456 -8.11 -22.85 2.23
C VAL A 456 -8.74 -22.08 3.38
N VAL A 457 -10.05 -22.06 3.40
CA VAL A 457 -10.78 -21.18 4.34
C VAL A 457 -11.82 -22.03 5.03
N ASP A 458 -11.91 -21.83 6.33
CA ASP A 458 -12.93 -22.42 7.19
C ASP A 458 -13.57 -21.26 7.93
N TRP A 459 -14.72 -20.82 7.43
CA TRP A 459 -15.39 -19.62 7.98
C TRP A 459 -16.56 -19.98 8.86
N ARG A 460 -16.61 -19.33 10.00
CA ARG A 460 -17.67 -19.51 11.02
C ARG A 460 -18.19 -18.13 11.34
N SER A 461 -19.40 -18.07 11.84
CA SER A 461 -20.19 -16.84 12.00
C SER A 461 -21.40 -17.15 12.88
N GLY A 462 -22.02 -16.11 13.45
CA GLY A 462 -23.21 -16.28 14.32
C GLY A 462 -23.62 -14.99 15.00
N SER A 463 -24.54 -15.10 15.96
CA SER A 463 -24.96 -13.98 16.82
C SER A 463 -24.24 -14.06 18.16
N ALA A 464 -23.89 -12.91 18.68
CA ALA A 464 -23.43 -12.75 20.06
C ALA A 464 -24.36 -11.77 20.75
N SER A 465 -24.16 -11.60 22.06
CA SER A 465 -24.88 -10.63 22.91
C SER A 465 -24.73 -9.20 22.38
N ALA A 466 -25.69 -8.35 22.75
CA ALA A 466 -25.59 -6.94 22.38
C ALA A 466 -24.66 -6.24 23.38
N LEU A 467 -24.16 -5.05 23.05
CA LEU A 467 -23.21 -4.40 23.98
C LEU A 467 -23.65 -2.97 24.26
N ASP A 468 -23.70 -2.59 25.53
CA ASP A 468 -24.05 -1.19 25.91
C ASP A 468 -22.89 -0.31 25.45
N ALA A 469 -23.07 0.32 24.29
CA ALA A 469 -22.11 1.20 23.60
C ALA A 469 -21.44 2.32 24.40
N PHE A 470 -22.16 2.93 25.34
CA PHE A 470 -21.52 3.80 26.37
C PHE A 470 -21.23 3.17 27.72
N ASN A 471 -19.95 2.97 28.04
CA ASN A 471 -19.54 2.27 29.29
C ASN A 471 -20.24 0.91 29.28
N PRO A 472 -19.76 -0.06 28.48
CA PRO A 472 -20.38 -1.38 28.41
C PRO A 472 -19.75 -2.40 29.34
N VAL A 473 -20.42 -3.53 29.51
CA VAL A 473 -19.94 -4.67 30.35
C VAL A 473 -19.63 -5.84 29.42
N TYR A 474 -18.43 -6.41 29.57
CA TYR A 474 -17.97 -7.60 28.81
C TYR A 474 -18.13 -8.83 29.67
N GLY A 475 -18.36 -9.97 29.02
CA GLY A 475 -18.33 -11.28 29.68
C GLY A 475 -19.20 -12.32 29.03
N ASP A 476 -20.19 -11.96 28.21
CA ASP A 476 -21.02 -13.02 27.61
C ASP A 476 -20.61 -13.13 26.14
N ASP A 477 -20.26 -14.35 25.78
CA ASP A 477 -19.45 -14.70 24.60
C ASP A 477 -19.93 -16.01 23.98
N ALA A 478 -21.15 -16.48 24.23
CA ALA A 478 -21.67 -17.66 23.49
C ALA A 478 -22.02 -17.16 22.11
N ILE A 479 -22.09 -18.06 21.16
CA ILE A 479 -22.45 -17.66 19.78
C ILE A 479 -23.51 -18.65 19.30
N SER A 480 -24.63 -18.08 18.86
CA SER A 480 -25.66 -18.76 18.05
C SER A 480 -25.04 -18.89 16.65
N TYR A 481 -24.31 -19.97 16.44
CA TYR A 481 -23.64 -20.01 15.15
C TYR A 481 -24.64 -20.13 14.03
N PHE A 482 -24.24 -19.57 12.87
CA PHE A 482 -24.90 -19.83 11.57
C PHE A 482 -24.26 -21.10 11.00
N PRO A 483 -24.74 -21.60 9.85
CA PRO A 483 -24.02 -22.65 9.14
C PRO A 483 -22.59 -22.23 8.85
N ASP A 484 -21.70 -23.21 8.85
CA ASP A 484 -20.30 -23.07 8.38
C ASP A 484 -20.33 -22.79 6.86
N ASP A 485 -19.21 -22.23 6.38
CA ASP A 485 -18.92 -21.80 4.99
C ASP A 485 -17.42 -21.97 4.65
N ASN A 486 -17.07 -23.15 4.12
CA ASN A 486 -15.68 -23.62 3.93
C ASN A 486 -15.47 -23.70 2.43
N HIS A 487 -14.50 -22.95 1.89
CA HIS A 487 -14.13 -22.94 0.44
C HIS A 487 -12.66 -23.28 0.22
N THR A 488 -12.30 -23.69 -0.98
CA THR A 488 -10.93 -23.65 -1.53
C THR A 488 -10.89 -22.81 -2.80
N ARG A 489 -10.18 -21.69 -2.69
CA ARG A 489 -10.07 -20.70 -3.79
C ARG A 489 -8.72 -20.81 -4.49
N ARG A 490 -8.79 -20.99 -5.80
CA ARG A 490 -7.58 -21.08 -6.64
C ARG A 490 -7.58 -19.89 -7.58
N LEU A 491 -6.40 -19.51 -8.04
CA LEU A 491 -6.22 -18.47 -9.07
C LEU A 491 -4.89 -18.74 -9.77
N GLU A 492 -4.92 -18.76 -11.08
CA GLU A 492 -3.72 -19.01 -11.91
C GLU A 492 -3.60 -17.79 -12.82
N GLN A 493 -2.40 -17.29 -13.07
CA GLN A 493 -2.38 -16.11 -13.98
C GLN A 493 -1.13 -16.14 -14.83
N THR A 494 -1.30 -16.33 -16.13
CA THR A 494 -0.16 -16.36 -17.05
C THR A 494 -0.15 -15.09 -17.89
N GLY A 495 1.02 -14.47 -17.96
CA GLY A 495 1.22 -13.12 -18.53
C GLY A 495 2.42 -13.09 -19.43
N VAL A 496 2.19 -12.61 -20.64
CA VAL A 496 3.26 -12.38 -21.64
C VAL A 496 3.11 -10.93 -22.12
N TYR A 497 4.20 -10.16 -22.02
CA TYR A 497 4.19 -8.70 -22.21
C TYR A 497 5.47 -8.18 -22.86
N LEU A 498 5.34 -7.02 -23.48
CA LEU A 498 6.34 -6.53 -24.44
C LEU A 498 6.25 -5.00 -24.46
N GLN A 499 7.40 -4.36 -24.34
CA GLN A 499 7.51 -2.92 -24.00
C GLN A 499 8.76 -2.34 -24.67
N ASP A 500 8.62 -1.18 -25.34
CA ASP A 500 9.76 -0.48 -26.00
C ASP A 500 9.80 1.01 -25.64
N LEU A 501 10.88 1.41 -24.97
CA LEU A 501 11.16 2.83 -24.63
C LEU A 501 12.10 3.37 -25.71
N ILE A 502 11.57 4.27 -26.52
CA ILE A 502 12.33 4.90 -27.61
C ILE A 502 12.77 6.30 -27.18
N ASP A 503 14.09 6.46 -27.15
CA ASP A 503 14.82 7.75 -26.96
C ASP A 503 15.20 8.27 -28.35
N ILE A 504 14.65 9.41 -28.76
CA ILE A 504 15.03 10.10 -30.01
C ILE A 504 15.04 11.59 -29.70
N ASP A 505 16.20 12.24 -29.85
CA ASP A 505 16.33 13.67 -29.55
C ASP A 505 15.82 13.94 -28.14
N GLN A 506 14.80 14.78 -28.02
CA GLN A 506 14.26 15.15 -26.70
C GLN A 506 12.98 14.37 -26.42
N TRP A 507 12.53 13.59 -27.41
CA TRP A 507 11.30 12.79 -27.27
C TRP A 507 11.62 11.50 -26.53
N ARG A 508 10.70 11.05 -25.68
CA ARG A 508 10.83 9.79 -24.91
C ARG A 508 9.50 9.05 -25.01
N PHE A 509 9.43 8.03 -25.86
CA PHE A 509 8.20 7.25 -26.12
C PHE A 509 8.20 5.93 -25.34
N SER A 510 7.04 5.58 -24.78
CA SER A 510 6.77 4.28 -24.12
C SER A 510 5.63 3.63 -24.88
N LEU A 511 5.85 2.41 -25.39
CA LEU A 511 4.78 1.49 -25.87
C LEU A 511 4.76 0.23 -25.01
N GLY A 512 3.57 -0.22 -24.62
CA GLY A 512 3.36 -1.50 -23.91
C GLY A 512 2.18 -2.33 -24.45
N LEU A 513 2.34 -3.65 -24.48
CA LEU A 513 1.30 -4.65 -24.87
C LEU A 513 1.43 -5.85 -23.96
N ARG A 514 0.29 -6.37 -23.51
CA ARG A 514 0.29 -7.55 -22.61
C ARG A 514 -0.92 -8.43 -22.87
N GLN A 515 -0.69 -9.73 -22.86
CA GLN A 515 -1.74 -10.75 -22.80
C GLN A 515 -1.77 -11.40 -21.42
N ASP A 516 -2.97 -11.72 -20.95
CA ASP A 516 -3.18 -12.41 -19.66
C ASP A 516 -4.14 -13.53 -19.93
N TRP A 517 -3.95 -14.59 -19.19
CA TRP A 517 -4.85 -15.74 -19.15
C TRP A 517 -4.99 -16.06 -17.68
N VAL A 518 -6.16 -15.73 -17.14
CA VAL A 518 -6.52 -15.92 -15.71
C VAL A 518 -7.48 -17.09 -15.59
N SER A 519 -7.55 -17.68 -14.40
CA SER A 519 -8.45 -18.81 -14.08
C SER A 519 -8.67 -18.79 -12.57
N VAL A 520 -9.84 -18.35 -12.12
CA VAL A 520 -10.17 -18.28 -10.67
C VAL A 520 -11.15 -19.41 -10.36
N THR A 521 -10.94 -20.11 -9.25
CA THR A 521 -11.81 -21.24 -8.86
C THR A 521 -12.30 -21.01 -7.43
N ASP A 522 -13.52 -21.46 -7.12
CA ASP A 522 -14.12 -21.32 -5.78
C ASP A 522 -14.95 -22.56 -5.53
N LYS A 523 -14.35 -23.57 -4.91
CA LYS A 523 -15.03 -24.82 -4.57
C LYS A 523 -15.59 -24.59 -3.18
N ASN A 524 -16.91 -24.77 -3.04
CA ASN A 524 -17.60 -24.68 -1.73
C ASN A 524 -17.50 -26.07 -1.10
N ARG A 525 -16.70 -26.24 -0.06
CA ARG A 525 -16.49 -27.58 0.53
C ARG A 525 -17.74 -27.93 1.34
N SER A 526 -18.36 -26.96 2.02
CA SER A 526 -19.67 -27.17 2.71
C SER A 526 -20.74 -27.68 1.72
N THR A 527 -20.88 -27.05 0.56
CA THR A 527 -21.90 -27.44 -0.43
C THR A 527 -21.45 -28.49 -1.44
N GLY A 528 -20.16 -28.53 -1.77
CA GLY A 528 -19.63 -29.42 -2.83
C GLY A 528 -19.69 -28.80 -4.22
N SER A 529 -20.02 -27.50 -4.32
CA SER A 529 -20.25 -26.79 -5.61
C SER A 529 -19.06 -25.91 -5.96
N LYS A 530 -18.52 -26.09 -7.17
CA LYS A 530 -17.32 -25.33 -7.61
C LYS A 530 -17.64 -24.43 -8.82
N ALA A 531 -17.37 -23.14 -8.67
CA ALA A 531 -17.46 -22.18 -9.79
C ALA A 531 -16.09 -22.23 -10.49
N ASP A 532 -16.03 -22.16 -11.81
CA ASP A 532 -14.71 -22.27 -12.47
C ASP A 532 -14.63 -21.40 -13.73
N ASP A 533 -14.15 -20.16 -13.62
CA ASP A 533 -14.02 -19.24 -14.78
C ASP A 533 -12.58 -18.88 -15.18
N ASP A 534 -12.35 -18.76 -16.49
CA ASP A 534 -11.14 -18.54 -17.32
C ASP A 534 -11.32 -17.23 -18.09
N TRP A 535 -10.24 -16.47 -18.27
CA TRP A 535 -10.33 -15.20 -19.03
C TRP A 535 -9.02 -14.88 -19.75
N GLU A 536 -9.12 -14.46 -21.01
CA GLU A 536 -8.04 -13.76 -21.75
C GLU A 536 -8.50 -12.30 -21.82
N LYS A 537 -7.64 -11.36 -21.46
CA LYS A 537 -7.82 -9.91 -21.75
C LYS A 537 -6.46 -9.36 -22.18
N PHE A 538 -6.55 -8.30 -22.95
CA PHE A 538 -5.38 -7.65 -23.56
C PHE A 538 -5.35 -6.20 -23.11
N THR A 539 -4.23 -5.78 -22.56
CA THR A 539 -3.99 -4.39 -22.11
C THR A 539 -2.90 -3.82 -23.02
N GLY A 540 -2.94 -2.50 -23.20
CA GLY A 540 -2.00 -1.67 -23.97
C GLY A 540 -1.76 -0.33 -23.28
N ARG A 541 -0.53 0.17 -23.29
CA ARG A 541 -0.12 1.50 -22.77
C ARG A 541 0.66 2.25 -23.84
N ILE A 542 0.59 3.57 -23.84
CA ILE A 542 1.27 4.39 -24.89
C ILE A 542 1.48 5.79 -24.31
N GLY A 543 2.71 6.26 -24.32
CA GLY A 543 3.13 7.43 -23.52
C GLY A 543 4.24 8.23 -24.17
N ALA A 544 4.01 9.51 -24.39
CA ALA A 544 4.94 10.38 -25.12
C ALA A 544 5.28 11.59 -24.27
N LEU A 545 6.52 12.04 -24.35
CA LEU A 545 7.00 13.13 -23.48
C LEU A 545 8.16 13.86 -24.14
N TYR A 546 8.11 15.19 -24.15
CA TYR A 546 9.22 16.01 -24.71
C TYR A 546 10.01 16.56 -23.53
N LEU A 547 11.32 16.36 -23.52
CA LEU A 547 12.19 16.86 -22.43
C LEU A 547 12.83 18.17 -22.89
N PHE A 548 12.64 19.27 -22.17
CA PHE A 548 13.24 20.55 -22.60
C PHE A 548 14.61 20.67 -21.95
N ASP A 549 15.57 21.28 -22.65
CA ASP A 549 16.97 21.39 -22.15
C ASP A 549 16.99 21.99 -20.75
N ASN A 550 16.01 22.82 -20.43
CA ASN A 550 15.93 23.50 -19.11
C ASN A 550 15.40 22.58 -17.99
N GLY A 551 14.89 21.38 -18.33
CA GLY A 551 14.42 20.38 -17.35
C GLY A 551 12.92 20.47 -17.15
N LEU A 552 12.22 20.79 -18.22
CA LEU A 552 10.75 20.83 -18.21
C LEU A 552 10.24 19.73 -19.18
N ALA A 553 9.22 18.98 -18.79
CA ALA A 553 8.82 17.82 -19.61
C ALA A 553 7.32 17.61 -19.50
N PRO A 554 6.54 18.09 -20.49
CA PRO A 554 5.16 17.64 -20.66
C PRO A 554 5.05 16.18 -21.15
N TYR A 555 3.99 15.45 -20.78
CA TYR A 555 3.71 14.06 -21.25
C TYR A 555 2.20 13.77 -21.30
N VAL A 556 1.78 13.20 -22.43
CA VAL A 556 0.48 12.50 -22.62
C VAL A 556 0.73 11.06 -22.23
N SER A 557 -0.30 10.32 -21.85
CA SER A 557 -0.20 8.86 -21.60
C SER A 557 -1.61 8.23 -21.63
N TYR A 558 -1.71 7.10 -22.33
CA TYR A 558 -2.89 6.24 -22.31
C TYR A 558 -2.46 4.83 -21.88
N SER A 559 -3.20 4.25 -20.95
CA SER A 559 -2.89 2.98 -20.28
C SER A 559 -4.20 2.27 -19.95
N GLU A 560 -4.08 1.02 -19.51
CA GLU A 560 -5.20 0.10 -19.31
C GLU A 560 -4.92 -0.93 -18.19
N SER A 561 -5.98 -1.30 -17.50
CA SER A 561 -6.07 -2.10 -16.26
C SER A 561 -7.07 -3.22 -16.49
N PHE A 562 -6.94 -4.29 -15.73
CA PHE A 562 -7.97 -5.34 -15.62
C PHE A 562 -7.84 -5.98 -14.25
N ASN A 563 -8.97 -6.46 -13.72
CA ASN A 563 -8.97 -7.24 -12.47
C ASN A 563 -10.20 -8.13 -12.40
N PRO A 564 -10.19 -9.53 -12.12
CA PRO A 564 -11.35 -10.70 -11.89
C PRO A 564 -12.27 -9.88 -10.98
N ASN A 565 -13.57 -9.77 -11.31
CA ASN A 565 -14.68 -9.31 -10.42
C ASN A 565 -14.68 -10.14 -9.13
N ALA A 566 -15.08 -9.57 -8.01
CA ALA A 566 -15.27 -10.36 -6.76
C ALA A 566 -16.74 -10.82 -6.63
N TYR A 567 -17.55 -10.72 -7.69
CA TYR A 567 -18.99 -11.05 -7.54
C TYR A 567 -19.48 -12.29 -8.30
N SER A 568 -20.74 -12.63 -7.99
CA SER A 568 -21.57 -13.74 -8.50
C SER A 568 -22.44 -13.26 -9.68
N ASP A 569 -22.54 -14.10 -10.71
CA ASP A 569 -23.26 -13.82 -11.98
C ASP A 569 -24.73 -14.22 -11.89
N ALA A 570 -25.36 -14.03 -10.72
CA ALA A 570 -26.80 -14.33 -10.53
C ALA A 570 -27.07 -15.78 -10.95
N SER A 571 -25.99 -16.51 -11.24
CA SER A 571 -25.89 -17.93 -11.64
C SER A 571 -24.81 -18.47 -10.72
N GLY A 572 -24.33 -17.60 -9.84
CA GLY A 572 -23.29 -17.97 -8.87
C GLY A 572 -21.98 -18.24 -9.58
N THR A 573 -21.62 -17.34 -10.49
CA THR A 573 -20.34 -17.51 -11.22
C THR A 573 -19.61 -16.16 -11.23
N PRO A 574 -18.28 -16.13 -11.13
CA PRO A 574 -17.56 -14.89 -11.30
C PRO A 574 -18.02 -14.15 -12.57
N LEU A 575 -18.31 -12.86 -12.43
CA LEU A 575 -18.74 -12.01 -13.57
C LEU A 575 -17.51 -11.66 -14.43
N ALA A 576 -17.74 -11.21 -15.67
CA ALA A 576 -16.63 -10.77 -16.55
C ALA A 576 -15.89 -9.67 -15.80
N PRO A 577 -14.40 -9.63 -15.65
CA PRO A 577 -13.46 -8.79 -14.90
C PRO A 577 -13.65 -7.30 -15.22
N THR A 578 -13.28 -6.43 -14.27
CA THR A 578 -13.44 -4.96 -14.39
C THR A 578 -12.26 -4.33 -15.18
N GLU A 579 -12.52 -3.27 -15.96
CA GLU A 579 -11.60 -2.70 -16.98
C GLU A 579 -11.40 -1.19 -16.74
N GLY A 580 -10.17 -0.78 -16.37
CA GLY A 580 -9.73 0.62 -16.23
C GLY A 580 -9.02 1.16 -17.48
N LYS A 581 -9.46 2.32 -18.00
CA LYS A 581 -8.85 3.08 -19.13
C LYS A 581 -8.44 4.48 -18.64
N GLN A 582 -7.23 4.97 -18.94
CA GLN A 582 -6.78 6.31 -18.47
C GLN A 582 -6.13 7.17 -19.58
N TRP A 583 -6.64 8.39 -19.71
CA TRP A 583 -5.90 9.54 -20.27
C TRP A 583 -5.27 10.30 -19.11
N GLU A 584 -3.99 10.59 -19.24
CA GLU A 584 -3.24 11.35 -18.24
C GLU A 584 -2.44 12.38 -19.02
N LEU A 585 -2.40 13.59 -18.52
CA LEU A 585 -1.53 14.66 -19.01
C LEU A 585 -0.80 15.23 -17.81
N GLY A 586 0.43 15.62 -17.99
CA GLY A 586 1.23 16.01 -16.84
C GLY A 586 2.39 16.87 -17.24
N LEU A 587 2.97 17.47 -16.23
CA LEU A 587 4.11 18.37 -16.37
C LEU A 587 5.05 18.09 -15.21
N LYS A 588 6.23 17.62 -15.58
CA LYS A 588 7.33 17.31 -14.65
C LYS A 588 8.40 18.36 -14.89
N PHE A 589 9.11 18.76 -13.84
CA PHE A 589 10.11 19.85 -13.93
C PHE A 589 11.14 19.81 -12.81
N GLN A 590 12.40 20.01 -13.20
CA GLN A 590 13.52 20.14 -12.26
C GLN A 590 14.58 20.96 -12.97
N ALA A 591 14.89 22.18 -12.48
CA ALA A 591 16.03 22.99 -12.96
C ALA A 591 17.28 22.13 -12.80
N PRO A 592 18.37 22.35 -13.57
CA PRO A 592 19.42 21.34 -13.67
C PRO A 592 20.24 21.29 -12.35
N GLY A 593 20.60 22.47 -11.84
CA GLY A 593 21.39 22.65 -10.60
C GLY A 593 20.47 22.88 -9.41
N SER A 594 19.42 22.10 -9.33
CA SER A 594 18.49 22.16 -8.17
C SER A 594 18.49 20.78 -7.56
N ASN A 595 18.13 20.73 -6.30
CA ASN A 595 17.72 19.45 -5.69
C ASN A 595 16.24 19.58 -5.34
N SER A 596 15.40 19.97 -6.29
CA SER A 596 13.95 20.12 -6.06
C SER A 596 13.23 19.68 -7.32
N PHE A 597 12.04 19.11 -7.16
CA PHE A 597 11.29 18.40 -8.22
C PHE A 597 9.81 18.77 -8.11
N TYR A 598 9.18 18.98 -9.27
CA TYR A 598 7.77 19.42 -9.37
C TYR A 598 7.01 18.54 -10.36
N THR A 599 5.90 17.99 -9.88
CA THR A 599 4.94 17.12 -10.60
C THR A 599 3.61 17.85 -10.64
N ALA A 600 2.96 17.92 -11.80
CA ALA A 600 1.49 18.12 -11.88
C ALA A 600 0.86 17.04 -12.77
N SER A 601 -0.21 16.38 -12.33
CA SER A 601 -0.95 15.36 -13.11
C SER A 601 -2.43 15.69 -13.30
N LEU A 602 -2.89 15.78 -14.54
CA LEU A 602 -4.31 15.67 -14.93
C LEU A 602 -4.57 14.23 -15.30
N PHE A 603 -5.60 13.61 -14.71
CA PHE A 603 -6.02 12.22 -15.06
C PHE A 603 -7.53 12.18 -15.32
N HIS A 604 -7.90 11.16 -16.08
CA HIS A 604 -9.30 10.81 -16.31
C HIS A 604 -9.40 9.31 -16.57
N ILE A 605 -9.97 8.62 -15.61
CA ILE A 605 -10.00 7.15 -15.50
C ILE A 605 -11.45 6.71 -15.54
N THR A 606 -11.82 5.84 -16.48
CA THR A 606 -13.15 5.17 -16.46
C THR A 606 -12.87 3.71 -16.15
N GLN A 607 -13.76 3.09 -15.41
CA GLN A 607 -13.62 1.68 -15.00
C GLN A 607 -14.95 0.96 -15.22
N GLU A 608 -14.98 0.02 -16.16
CA GLU A 608 -16.24 -0.62 -16.67
C GLU A 608 -16.47 -2.01 -16.03
N ASN A 609 -17.76 -2.45 -16.11
CA ASN A 609 -18.26 -3.81 -15.76
C ASN A 609 -18.19 -3.95 -14.24
N VAL A 610 -18.38 -2.87 -13.51
CA VAL A 610 -18.31 -3.01 -12.04
C VAL A 610 -19.71 -3.38 -11.55
N ALA A 611 -19.75 -4.35 -10.63
CA ALA A 611 -20.96 -5.06 -10.18
C ALA A 611 -21.93 -4.05 -9.55
N SER A 612 -23.07 -3.83 -10.21
CA SER A 612 -24.27 -3.13 -9.66
C SER A 612 -25.53 -4.00 -9.85
N LYS A 613 -26.66 -3.65 -9.22
CA LYS A 613 -27.92 -4.45 -9.26
C LYS A 613 -29.12 -3.60 -8.86
N GLU A 614 -30.33 -4.16 -8.93
CA GLU A 614 -31.56 -3.55 -8.38
C GLU A 614 -31.65 -3.88 -6.88
N PRO A 615 -31.77 -2.88 -5.97
CA PRO A 615 -31.57 -3.00 -4.50
C PRO A 615 -32.15 -4.14 -3.61
N GLN A 616 -33.46 -4.45 -3.60
CA GLN A 616 -34.02 -5.63 -2.89
C GLN A 616 -33.54 -6.89 -3.62
N ASP A 617 -33.69 -6.86 -4.96
CA ASP A 617 -33.16 -7.85 -5.93
C ASP A 617 -31.67 -8.00 -5.59
N ASN A 618 -31.18 -9.22 -5.29
CA ASN A 618 -29.80 -9.43 -4.74
C ASN A 618 -28.98 -10.39 -5.65
N PHE A 619 -29.00 -10.16 -6.99
CA PHE A 619 -28.34 -11.01 -8.05
C PHE A 619 -27.46 -10.26 -9.08
N TYR A 620 -26.21 -9.92 -8.73
CA TYR A 620 -25.38 -8.86 -9.39
C TYR A 620 -25.25 -9.06 -10.90
N THR A 621 -25.31 -7.93 -11.62
CA THR A 621 -25.11 -7.82 -13.09
C THR A 621 -23.89 -6.93 -13.35
N SER A 622 -23.11 -7.14 -14.42
CA SER A 622 -21.87 -6.36 -14.70
C SER A 622 -22.03 -5.39 -15.88
N VAL A 623 -22.67 -4.26 -15.61
CA VAL A 623 -22.84 -3.15 -16.58
C VAL A 623 -22.88 -2.40 -15.25
N GLY A 624 -21.92 -1.48 -15.11
CA GLY A 624 -21.76 -0.59 -13.96
C GLY A 624 -20.55 0.13 -14.52
N GLU A 625 -20.25 1.29 -13.93
CA GLU A 625 -19.15 2.16 -14.41
C GLU A 625 -18.81 3.21 -13.36
N VAL A 626 -17.52 3.40 -13.11
CA VAL A 626 -16.98 4.45 -12.19
C VAL A 626 -16.02 5.37 -12.94
N ARG A 627 -16.02 6.66 -12.61
CA ARG A 627 -15.29 7.65 -13.42
C ARG A 627 -14.61 8.63 -12.48
N SER A 628 -13.28 8.54 -12.42
CA SER A 628 -12.43 9.38 -11.56
C SER A 628 -11.63 10.34 -12.43
N GLN A 629 -11.59 11.60 -12.05
CA GLN A 629 -10.81 12.57 -12.82
C GLN A 629 -10.28 13.58 -11.84
N GLY A 630 -9.18 14.21 -12.21
CA GLY A 630 -8.65 15.28 -11.37
C GLY A 630 -7.24 15.63 -11.69
N LEU A 631 -6.58 16.13 -10.67
CA LEU A 631 -5.32 16.88 -10.75
C LEU A 631 -4.57 16.66 -9.45
N GLU A 632 -3.36 16.10 -9.59
CA GLU A 632 -2.37 15.95 -8.49
C GLU A 632 -1.22 16.92 -8.72
N LEU A 633 -0.84 17.64 -7.68
CA LEU A 633 0.31 18.58 -7.66
C LEU A 633 1.24 18.13 -6.54
N GLU A 634 2.49 17.81 -6.86
CA GLU A 634 3.49 17.30 -5.89
C GLU A 634 4.80 18.07 -6.05
N ALA A 635 5.36 18.48 -4.92
CA ALA A 635 6.50 19.40 -4.89
C ALA A 635 7.44 18.96 -3.80
N HIS A 636 8.69 18.70 -4.18
CA HIS A 636 9.85 18.52 -3.26
C HIS A 636 10.83 19.65 -3.53
N THR A 637 11.32 20.29 -2.47
CA THR A 637 12.24 21.42 -2.60
C THR A 637 13.27 21.40 -1.50
N GLN A 638 14.55 21.51 -1.87
CA GLN A 638 15.68 21.90 -0.98
C GLN A 638 15.80 23.43 -1.00
N LEU A 639 16.16 24.01 0.14
CA LEU A 639 16.57 25.42 0.17
C LEU A 639 18.06 25.36 0.50
N SER A 640 18.37 25.03 1.75
CA SER A 640 19.75 24.80 2.22
C SER A 640 20.08 23.36 2.55
N ASP A 641 21.33 23.05 2.88
CA ASP A 641 21.76 21.65 3.20
C ASP A 641 20.87 21.11 4.33
N ASN A 642 20.41 21.95 5.26
CA ASN A 642 19.57 21.41 6.35
C ASN A 642 18.06 21.52 6.04
N LEU A 643 17.63 22.32 5.07
CA LEU A 643 16.18 22.46 4.77
C LEU A 643 15.72 21.48 3.66
N LYS A 644 14.62 20.79 3.95
CA LYS A 644 13.92 19.89 3.01
C LYS A 644 12.43 20.17 3.14
N LEU A 645 11.69 20.10 2.05
CA LEU A 645 10.22 20.35 2.04
C LEU A 645 9.48 19.35 1.13
N LEU A 646 8.25 18.98 1.50
CA LEU A 646 7.25 18.20 0.70
C LEU A 646 5.94 18.95 0.70
N GLY A 647 5.32 19.10 -0.47
CA GLY A 647 4.01 19.74 -0.60
C GLY A 647 3.20 19.05 -1.65
N SER A 648 1.95 18.70 -1.35
CA SER A 648 1.06 17.99 -2.30
C SER A 648 -0.37 18.54 -2.29
N TYR A 649 -1.02 18.57 -3.45
CA TYR A 649 -2.44 18.98 -3.56
C TYR A 649 -3.25 17.97 -4.37
N THR A 650 -4.37 17.44 -3.86
CA THR A 650 -5.16 16.50 -4.68
C THR A 650 -6.66 16.64 -4.92
N TYR A 651 -7.08 16.89 -6.16
CA TYR A 651 -8.52 17.04 -6.52
C TYR A 651 -9.07 15.83 -7.30
N THR A 652 -10.03 15.16 -6.65
CA THR A 652 -10.63 13.85 -7.04
C THR A 652 -12.14 14.00 -7.24
N ASP A 653 -12.53 13.96 -8.50
CA ASP A 653 -13.95 13.93 -8.86
C ASP A 653 -14.24 12.50 -9.31
N ILE A 654 -14.85 11.74 -8.43
CA ILE A 654 -15.09 10.29 -8.61
C ILE A 654 -16.59 10.15 -8.67
N THR A 655 -17.13 9.49 -9.70
CA THR A 655 -18.61 9.27 -9.86
C THR A 655 -19.01 7.87 -10.35
N TYR A 656 -20.16 7.41 -9.87
CA TYR A 656 -20.89 6.27 -10.47
C TYR A 656 -21.60 6.78 -11.73
N THR A 657 -20.98 6.56 -12.88
CA THR A 657 -21.54 6.94 -14.20
C THR A 657 -22.64 5.95 -14.58
N LYS A 658 -22.60 4.74 -14.05
CA LYS A 658 -23.74 3.79 -14.11
C LYS A 658 -23.83 3.01 -12.79
N SER A 659 -25.06 2.80 -12.30
CA SER A 659 -25.44 2.00 -11.10
C SER A 659 -26.94 1.70 -11.16
N LEU A 660 -27.33 0.44 -11.23
CA LEU A 660 -28.76 0.10 -10.98
C LEU A 660 -29.03 0.17 -9.45
N ASP A 661 -27.98 0.35 -8.62
CA ASP A 661 -28.06 0.55 -7.14
C ASP A 661 -29.10 1.62 -6.80
N GLY A 662 -29.35 2.57 -7.72
CA GLY A 662 -30.06 3.84 -7.49
C GLY A 662 -29.07 4.96 -7.25
N ASN A 663 -27.78 4.65 -7.36
CA ASN A 663 -26.70 5.59 -7.01
C ASN A 663 -25.96 6.07 -8.29
N GLN A 664 -26.65 6.41 -9.36
CA GLN A 664 -26.00 7.03 -10.54
C GLN A 664 -25.82 8.50 -10.25
N GLY A 665 -24.67 9.05 -10.58
CA GLY A 665 -24.35 10.46 -10.32
C GLY A 665 -23.81 10.60 -8.92
N HIS A 666 -24.08 9.57 -8.10
CA HIS A 666 -23.57 9.43 -6.71
C HIS A 666 -22.05 9.28 -6.72
N THR A 667 -21.36 10.20 -6.06
CA THR A 667 -19.89 10.10 -5.81
C THR A 667 -19.73 9.11 -4.65
N PRO A 668 -18.83 8.07 -4.67
CA PRO A 668 -18.62 7.10 -3.58
C PRO A 668 -18.19 7.67 -2.22
N ASN A 669 -18.32 6.81 -1.20
CA ASN A 669 -17.81 7.12 0.16
C ASN A 669 -16.30 6.84 0.13
N GLN A 670 -15.61 7.39 1.12
CA GLN A 670 -14.14 7.28 1.28
C GLN A 670 -13.46 7.87 0.05
N ALA A 671 -13.68 9.15 -0.23
CA ALA A 671 -13.08 9.77 -1.43
C ALA A 671 -13.10 11.28 -1.29
N PRO A 672 -12.19 11.90 -0.50
CA PRO A 672 -12.18 13.34 -0.33
C PRO A 672 -11.97 14.02 -1.68
N LYS A 673 -12.84 14.94 -2.07
CA LYS A 673 -12.66 15.64 -3.36
C LYS A 673 -11.28 16.30 -3.34
N HIS A 674 -10.99 17.07 -2.28
CA HIS A 674 -9.68 17.75 -2.17
C HIS A 674 -8.89 17.10 -1.05
N MET A 675 -7.58 17.33 -1.06
CA MET A 675 -6.63 16.81 -0.06
C MET A 675 -5.36 17.62 -0.22
N ALA A 676 -4.64 17.87 0.87
CA ALA A 676 -3.38 18.62 0.75
C ALA A 676 -2.52 18.30 1.96
N SER A 677 -1.21 18.33 1.79
CA SER A 677 -0.28 18.01 2.90
C SER A 677 1.01 18.82 2.75
N LEU A 678 1.76 18.95 3.83
CA LEU A 678 3.01 19.73 3.81
C LEU A 678 3.96 19.19 4.86
N TRP A 679 5.25 19.08 4.57
CA TRP A 679 6.22 18.60 5.56
C TRP A 679 7.54 19.36 5.46
N ALA A 680 8.16 19.67 6.60
CA ALA A 680 9.43 20.43 6.68
C ALA A 680 10.36 19.81 7.73
N ASP A 681 11.67 20.04 7.55
CA ASP A 681 12.70 19.46 8.43
C ASP A 681 13.96 20.31 8.31
N TYR A 682 14.40 20.92 9.43
CA TYR A 682 15.56 21.83 9.57
C TYR A 682 16.64 21.21 10.47
N ALA A 683 17.87 21.07 9.96
CA ALA A 683 19.01 20.55 10.75
C ALA A 683 19.94 21.72 11.09
N PHE A 684 21.04 21.50 11.79
CA PHE A 684 21.88 22.70 12.10
C PHE A 684 23.29 22.48 11.57
N ASP A 685 23.86 23.51 10.92
CA ASP A 685 25.17 23.22 10.27
C ASP A 685 26.26 23.15 11.34
N ALA A 686 26.58 24.28 11.98
CA ALA A 686 27.57 24.37 13.08
C ALA A 686 26.94 25.11 14.26
N GLY A 687 27.75 25.42 15.28
CA GLY A 687 27.34 26.19 16.49
C GLY A 687 26.85 25.28 17.62
N PRO A 688 26.10 25.80 18.63
CA PRO A 688 25.62 24.97 19.75
C PRO A 688 24.54 23.94 19.34
N LEU A 689 23.72 24.25 18.32
CA LEU A 689 22.56 23.42 17.91
C LEU A 689 22.95 22.43 16.83
N SER A 690 24.23 22.30 16.48
CA SER A 690 24.63 21.39 15.39
C SER A 690 24.25 19.99 15.86
N GLY A 691 23.77 19.18 14.92
CA GLY A 691 23.35 17.79 15.12
C GLY A 691 21.90 17.73 15.53
N LEU A 692 21.24 18.89 15.57
CA LEU A 692 19.81 18.95 15.91
C LEU A 692 18.98 19.07 14.65
N SER A 693 17.90 18.30 14.57
CA SER A 693 16.94 18.33 13.45
C SER A 693 15.53 18.51 14.02
N ILE A 694 14.94 19.70 13.98
CA ILE A 694 13.48 19.87 14.24
C ILE A 694 12.76 19.67 12.90
N GLY A 695 11.56 19.08 12.97
CA GLY A 695 10.75 18.80 11.78
C GLY A 695 9.27 18.92 12.09
N GLY A 696 8.46 19.00 11.05
CA GLY A 696 7.00 19.07 11.22
C GLY A 696 6.25 19.15 9.90
N GLY A 697 4.93 19.01 9.98
CA GLY A 697 4.01 19.38 8.90
C GLY A 697 2.55 19.13 9.28
N ALA A 698 1.70 19.15 8.25
CA ALA A 698 0.26 18.92 8.42
C ALA A 698 -0.34 18.25 7.20
N ARG A 699 -1.45 17.58 7.48
CA ARG A 699 -2.30 16.90 6.49
C ARG A 699 -3.71 17.49 6.49
N TYR A 700 -4.26 17.60 5.30
CA TYR A 700 -5.67 18.06 5.23
C TYR A 700 -6.43 17.05 4.39
N VAL A 701 -7.53 16.55 4.92
CA VAL A 701 -8.42 15.68 4.12
C VAL A 701 -9.68 16.52 3.90
N GLY A 702 -10.41 16.35 2.78
CA GLY A 702 -11.67 17.04 2.47
C GLY A 702 -12.83 16.29 3.09
N GLU A 703 -13.96 16.32 2.43
CA GLU A 703 -15.18 15.73 3.02
C GLU A 703 -15.34 14.33 2.46
N THR A 704 -15.57 13.39 3.36
CA THR A 704 -15.91 11.99 3.07
C THR A 704 -17.44 11.88 3.14
N TRP A 705 -18.07 11.21 2.21
CA TRP A 705 -19.45 10.71 2.34
C TRP A 705 -19.41 9.49 3.27
N ALA A 706 -20.39 9.33 4.13
CA ALA A 706 -20.48 8.12 4.96
C ALA A 706 -21.07 6.96 4.13
N ASP A 707 -21.85 7.21 3.09
CA ASP A 707 -22.65 6.15 2.42
C ASP A 707 -22.67 6.40 0.92
N LYS A 708 -23.04 5.39 0.12
CA LYS A 708 -23.04 5.49 -1.37
C LYS A 708 -24.40 6.02 -1.85
N GLU A 709 -25.34 6.25 -0.94
CA GLU A 709 -26.61 6.95 -1.27
C GLU A 709 -26.42 8.44 -0.97
N ASN A 710 -25.32 8.80 -0.31
CA ASN A 710 -24.78 10.17 -0.05
C ASN A 710 -25.57 10.99 0.97
N THR A 711 -25.99 10.38 2.08
CA THR A 711 -26.98 10.99 2.99
C THR A 711 -26.25 11.97 3.92
N LEU A 712 -24.98 11.76 4.24
CA LEU A 712 -24.22 12.77 5.03
C LEU A 712 -22.71 12.70 4.76
N ARG A 713 -22.11 13.88 4.84
CA ARG A 713 -20.66 14.10 4.67
C ARG A 713 -19.99 13.99 6.04
N VAL A 714 -18.66 13.92 6.05
CA VAL A 714 -17.80 13.70 7.25
C VAL A 714 -16.90 14.93 7.42
N PRO A 715 -16.76 15.47 8.64
CA PRO A 715 -15.92 16.64 8.88
C PRO A 715 -14.52 16.61 8.28
N ASP A 716 -14.23 17.57 7.40
CA ASP A 716 -12.88 17.74 6.80
C ASP A 716 -11.93 17.88 7.98
N TYR A 717 -11.07 16.88 8.18
CA TYR A 717 -10.12 16.85 9.32
C TYR A 717 -8.71 17.15 8.81
N THR A 718 -7.87 17.54 9.76
CA THR A 718 -6.71 18.43 9.48
C THR A 718 -5.73 18.29 10.67
N LEU A 719 -4.61 17.62 10.42
CA LEU A 719 -3.76 17.07 11.50
C LEU A 719 -2.34 17.59 11.42
N VAL A 720 -1.68 17.62 12.58
CA VAL A 720 -0.30 18.13 12.72
C VAL A 720 0.62 17.02 13.19
N ASP A 721 1.78 16.90 12.54
CA ASP A 721 2.83 15.94 12.91
C ASP A 721 4.09 16.74 13.19
N ALA A 722 4.88 16.33 14.16
CA ALA A 722 6.03 17.10 14.60
C ALA A 722 7.07 16.17 15.16
N ARG A 723 8.26 16.68 15.34
CA ARG A 723 9.39 15.86 15.77
C ARG A 723 10.57 16.73 16.13
N ILE A 724 11.58 16.08 16.67
CA ILE A 724 12.87 16.72 17.01
C ILE A 724 13.85 15.57 17.17
N GLY A 725 15.05 15.72 16.61
CA GLY A 725 16.11 14.69 16.57
C GLY A 725 17.46 15.32 16.78
N TYR A 726 18.24 14.77 17.69
CA TYR A 726 19.63 15.19 17.95
C TYR A 726 20.63 14.11 17.55
N ASP A 727 21.48 14.41 16.58
CA ASP A 727 22.55 13.43 16.33
C ASP A 727 23.62 13.66 17.40
N LEU A 728 23.47 13.09 18.60
CA LEU A 728 24.49 13.28 19.68
C LEU A 728 25.67 12.41 19.30
N GLY A 729 26.24 12.81 18.19
CA GLY A 729 27.43 12.44 17.41
C GLY A 729 28.28 13.70 17.30
N LYS A 730 27.61 14.84 17.47
CA LYS A 730 28.21 16.20 17.55
C LYS A 730 28.81 16.40 18.95
N LEU A 731 28.14 15.88 19.98
CA LEU A 731 28.73 15.79 21.33
C LEU A 731 30.08 15.10 21.15
N GLY A 732 30.02 13.89 20.61
CA GLY A 732 31.19 13.06 20.37
C GLY A 732 30.87 11.65 20.73
N LEU A 733 29.61 11.25 20.55
CA LEU A 733 29.24 9.81 20.47
C LEU A 733 28.83 9.48 19.04
N LYS A 734 29.82 9.22 18.18
CA LYS A 734 29.62 8.99 16.73
C LYS A 734 28.84 7.69 16.57
N GLY A 735 27.80 7.72 15.74
CA GLY A 735 26.99 6.53 15.38
C GLY A 735 25.83 6.30 16.34
N LEU A 736 25.62 7.20 17.30
CA LEU A 736 24.45 7.13 18.22
C LEU A 736 23.62 8.40 18.03
N ASP A 737 22.31 8.22 17.87
CA ASP A 737 21.39 9.33 17.53
C ASP A 737 20.03 9.05 18.15
N VAL A 738 19.31 10.10 18.51
CA VAL A 738 17.95 9.98 19.10
C VAL A 738 16.94 10.82 18.31
N SER A 739 15.75 10.28 18.15
CA SER A 739 14.55 10.91 17.54
C SER A 739 13.41 11.03 18.60
N LEU A 740 12.62 12.11 18.57
CA LEU A 740 11.36 12.24 19.34
C LEU A 740 10.28 12.76 18.39
N ASN A 741 9.30 11.93 18.11
CA ASN A 741 8.22 12.23 17.14
C ASN A 741 6.87 12.21 17.83
N ALA A 742 5.91 13.01 17.36
CA ALA A 742 4.50 12.99 17.80
C ALA A 742 3.56 13.35 16.62
N ASN A 743 2.57 12.48 16.36
CA ASN A 743 1.60 12.64 15.24
C ASN A 743 0.24 13.07 15.78
N ASN A 744 -0.49 13.81 14.96
CA ASN A 744 -1.76 14.47 15.36
C ASN A 744 -1.54 15.19 16.69
N LEU A 745 -0.68 16.21 16.70
CA LEU A 745 -0.25 16.93 17.93
C LEU A 745 -1.46 17.53 18.64
N LEU A 746 -2.55 17.77 17.92
CA LEU A 746 -3.81 18.30 18.52
C LEU A 746 -4.73 17.18 19.04
N ASP A 747 -4.17 15.99 19.33
CA ASP A 747 -4.83 14.71 19.78
C ASP A 747 -6.31 14.71 19.45
N LYS A 748 -6.64 14.69 18.17
CA LYS A 748 -8.04 14.92 17.78
C LYS A 748 -8.86 13.63 17.85
N ASP A 749 -10.14 13.78 18.17
CA ASP A 749 -11.15 12.70 18.14
C ASP A 749 -12.08 12.94 16.95
N TYR A 750 -11.67 12.51 15.76
CA TYR A 750 -12.40 12.62 14.47
C TYR A 750 -12.65 11.18 14.00
N VAL A 751 -13.58 10.99 13.09
CA VAL A 751 -13.63 9.69 12.36
C VAL A 751 -12.74 9.76 11.12
N ALA A 752 -12.14 8.65 10.77
CA ALA A 752 -11.37 8.50 9.52
C ALA A 752 -12.32 8.61 8.31
N SER A 753 -13.26 7.68 8.25
CA SER A 753 -14.20 7.50 7.12
C SER A 753 -15.23 6.50 7.59
N CYS A 754 -16.22 6.21 6.74
CA CYS A 754 -17.23 5.18 7.03
C CYS A 754 -17.38 4.30 5.80
N TYR A 755 -17.61 3.01 5.95
CA TYR A 755 -17.92 2.15 4.80
C TYR A 755 -19.39 2.33 4.48
N SER A 756 -20.16 2.36 5.55
CA SER A 756 -21.64 2.33 5.60
C SER A 756 -22.03 3.30 6.69
N LEU A 757 -23.32 3.35 7.01
CA LEU A 757 -23.84 4.20 8.08
C LEU A 757 -23.71 3.41 9.38
N ASP A 758 -23.68 2.09 9.28
CA ASP A 758 -23.49 1.14 10.41
C ASP A 758 -22.01 0.98 10.75
N PHE A 759 -21.13 1.54 9.93
CA PHE A 759 -19.67 1.32 10.02
C PHE A 759 -18.83 2.59 9.77
N CYS A 760 -18.41 3.26 10.85
CA CYS A 760 -17.48 4.40 10.81
C CYS A 760 -16.23 4.04 11.59
N TYR A 761 -15.11 4.60 11.17
CA TYR A 761 -13.79 4.24 11.68
C TYR A 761 -13.20 5.47 12.32
N PHE A 762 -12.68 5.27 13.52
CA PHE A 762 -12.10 6.37 14.31
C PHE A 762 -10.70 6.70 13.81
N GLY A 763 -10.41 8.00 13.75
CA GLY A 763 -9.06 8.52 13.45
C GLY A 763 -8.11 8.16 14.58
N GLU A 764 -6.83 7.93 14.25
CA GLU A 764 -5.79 7.62 15.27
C GLU A 764 -5.54 8.86 16.13
N LYS A 765 -5.34 8.66 17.43
CA LYS A 765 -5.09 9.71 18.44
C LYS A 765 -3.63 10.16 18.36
N ARG A 766 -3.21 11.05 19.24
CA ARG A 766 -1.82 11.52 19.20
C ARG A 766 -0.90 10.32 19.39
N ASN A 767 -0.15 9.92 18.35
CA ASN A 767 0.92 8.92 18.58
C ASN A 767 2.20 9.65 18.92
N VAL A 768 2.91 9.19 19.97
CA VAL A 768 4.23 9.71 20.39
C VAL A 768 5.35 8.65 20.34
N THR A 769 6.45 8.99 19.67
CA THR A 769 7.75 8.26 19.69
C THR A 769 8.93 8.92 20.37
N ALA A 770 9.73 8.11 21.05
CA ALA A 770 11.11 8.45 21.43
C ALA A 770 11.95 7.24 21.05
N THR A 771 12.96 7.43 20.19
CA THR A 771 13.74 6.29 19.63
C THR A 771 15.26 6.61 19.59
N VAL A 772 16.06 5.56 19.78
CA VAL A 772 17.53 5.64 19.90
C VAL A 772 18.18 4.61 18.95
N ASN A 773 19.29 5.01 18.32
CA ASN A 773 19.94 4.25 17.23
C ASN A 773 21.44 4.40 17.51
N TYR A 774 22.16 3.27 17.47
CA TYR A 774 23.65 3.18 17.42
C TYR A 774 23.94 2.58 16.06
N GLN A 775 25.05 2.92 15.40
CA GLN A 775 25.48 2.21 14.17
C GLN A 775 26.97 1.97 14.34
N PHE A 776 27.51 1.03 13.59
CA PHE A 776 28.96 0.72 13.61
C PHE A 776 29.33 -0.05 12.34
S SO4 B . 17.06 -0.64 -6.50
O1 SO4 B . 17.05 -1.89 -5.74
O2 SO4 B . 16.07 0.26 -5.95
O3 SO4 B . 16.75 -0.92 -7.85
O4 SO4 B . 18.35 -0.02 -6.45
S SO4 C . 13.13 -4.15 -6.76
O1 SO4 C . 12.63 -5.15 -7.64
O2 SO4 C . 12.04 -3.38 -6.23
O3 SO4 C . 13.84 -4.76 -5.69
O4 SO4 C . 14.00 -3.28 -7.49
S DMS D . -26.30 -22.79 17.79
O DMS D . -27.00 -24.03 17.36
C1 DMS D . -24.76 -23.30 18.50
C2 DMS D . -27.09 -22.25 19.27
CBA 6L0 E . -16.94 -9.39 7.89
CAX 6L0 E . -17.01 -10.86 8.01
CBJ 6L0 E . -16.78 -11.55 6.71
OAC 6L0 E . -16.57 -12.76 6.64
NBG 6L0 E . -16.78 -10.80 5.61
CAU 6L0 E . -16.44 -11.33 4.30
CAO 6L0 E . -15.24 -12.25 4.33
CAL 6L0 E . -14.05 -11.70 3.58
CAR 6L0 E . -13.07 -10.95 4.45
CBC 6L0 E . -12.61 -9.63 3.89
NBO 6L0 E . -12.68 -8.57 4.89
OAH 6L0 E . -13.91 -8.03 4.98
CBL 6L0 E . -11.65 -8.15 5.61
OAE 6L0 E . -11.78 -7.45 6.57
CAZ 6L0 E . -10.30 -8.64 5.21
CAW 6L0 E . -9.85 -8.12 3.88
OAA 6L0 E . -9.93 -5.87 4.64
CBH 6L0 E . -10.15 -6.66 3.73
NBE 6L0 E . -10.69 -6.27 2.59
CAS 6L0 E . -11.19 -4.92 2.39
CAM 6L0 E . -12.70 -4.87 2.36
CAJ 6L0 E . -13.31 -4.03 3.45
CAP 6L0 E . -14.47 -4.22 4.01
CBB 6L0 E . -14.92 -5.51 4.62
NBN 6L0 E . -14.89 -5.55 6.07
OAG 6L0 E . -15.81 -6.43 6.50
CBK 6L0 E . -14.12 -4.87 6.92
OAD 6L0 E . -13.58 -5.36 7.88
CAY 6L0 E . -13.96 -3.41 6.69
CAV 6L0 E . -13.49 -2.72 7.92
CBI 6L0 E . -14.31 -3.09 9.12
OAB 6L0 E . -15.45 -2.67 9.28
NBF 6L0 E . -13.75 -3.89 10.01
CAT 6L0 E . -14.49 -4.50 11.09
CAN 6L0 E . -15.88 -4.95 10.67
CAK 6L0 E . -16.11 -6.36 11.09
CAQ 6L0 E . -16.42 -7.36 10.00
CBD 6L0 E . -15.43 -8.49 9.94
NBP 6L0 E . -14.83 -8.64 8.63
CBM 6L0 E . -15.56 -8.92 7.55
OAF 6L0 E . -15.20 -8.85 6.39
OAI 6L0 E . -13.48 -8.57 8.67
FE FE F . -13.89 -7.28 7.00
S SO4 G . 8.74 12.34 -5.96
O1 SO4 G . 8.01 11.62 -4.95
O2 SO4 G . 8.08 13.60 -6.23
O3 SO4 G . 8.79 11.56 -7.18
O4 SO4 G . 10.10 12.54 -5.51
#